data_8BI5
#
_entry.id   8BI5
#
_cell.length_a   131.490
_cell.length_b   131.490
_cell.length_c   168.797
_cell.angle_alpha   90.00
_cell.angle_beta   90.00
_cell.angle_gamma   90.00
#
_symmetry.space_group_name_H-M   'P 43 21 2'
#
loop_
_entity.id
_entity.type
_entity.pdbx_description
1 polymer 'Choline kinase alpha'
2 non-polymer 'MAGNESIUM ION'
3 non-polymer 2-cyclohexyl-6-methoxy-~{N}-methyl-~{N}-(1-propan-2-ylpiperidin-4-yl)-7-(3-pyrrolidin-1-ylpropoxy)quinazolin-4-amine
4 non-polymer 1,2-ETHANEDIOL
5 non-polymer 'PHOSPHATE ION'
6 non-polymer 'CHLORIDE ION'
7 water water
#
_entity_poly.entity_id   1
_entity_poly.type   'polypeptide(L)'
_entity_poly.pdbx_seq_one_letter_code
;MKTKFCTGGEAEPSPLGLLLSCGSGSAAPAPGVGQQRDAASDLESKQLGGQQPPLALPPPPPLPLPLPLPQPPPPQPPAD
EQPEPRTRRRAYLWCKEFLPGAWRGLREDEFHISVIRGGLSNMLFQCSLPDTTATLGDEPRKVLLRLYGAILQMRSCNKE
GSEQAQKENEFQGAEAMVLESVMFAILAERSLGPKLYGIFPQGRLEQFIPSRRLDTEELSLPDISAEIAEKMATFHGMKM
PFNKEPKWLFGTMEKYLKEVLRIKFTEESRIKKLHKLLSYNLPLELENLRSLLESTPSPVVFCHNDCQEGNILLLEGREN
SEKQKLMLIDFEYSSYNYRGFDIGNHFCEWMYDYSYEKYPFFRANIRKYPTKKQQLHFISSYLPAFQNDFENLSTEEKSI
IKEEMLLEVNRFALASHFLWGLWSIVQAKISSIEFGYMDYAQARFDAYFHQKRKLGV
;
_entity_poly.pdbx_strand_id   A,B
#
# COMPACT_ATOMS: atom_id res chain seq x y z
N GLU A 81 25.85 -15.44 10.03
CA GLU A 81 26.28 -14.14 10.64
C GLU A 81 26.36 -13.07 9.53
N GLN A 82 27.41 -13.10 8.70
CA GLN A 82 27.56 -12.19 7.53
C GLN A 82 26.79 -12.79 6.35
N PRO A 83 26.11 -11.97 5.53
CA PRO A 83 25.47 -12.44 4.30
C PRO A 83 26.49 -12.66 3.17
N GLU A 84 26.06 -13.25 2.05
CA GLU A 84 26.88 -13.38 0.82
C GLU A 84 27.37 -11.97 0.43
N PRO A 85 28.49 -11.84 -0.31
CA PRO A 85 29.00 -10.51 -0.64
C PRO A 85 28.07 -9.74 -1.60
N ARG A 86 27.33 -10.41 -2.48
CA ARG A 86 26.40 -9.75 -3.44
C ARG A 86 25.22 -9.10 -2.68
N THR A 87 24.71 -9.75 -1.63
CA THR A 87 23.52 -9.22 -0.90
C THR A 87 24.00 -8.12 0.05
N ARG A 88 25.21 -8.22 0.59
CA ARG A 88 25.81 -7.11 1.36
C ARG A 88 25.82 -5.83 0.50
N ARG A 89 26.16 -5.94 -0.78
CA ARG A 89 26.34 -4.79 -1.70
C ARG A 89 24.98 -4.23 -2.10
N ARG A 90 24.04 -5.12 -2.42
CA ARG A 90 22.64 -4.74 -2.78
C ARG A 90 21.97 -4.06 -1.56
N ALA A 91 22.18 -4.61 -0.37
CA ALA A 91 21.61 -4.09 0.90
C ALA A 91 22.14 -2.68 1.13
N TYR A 92 23.43 -2.47 0.86
CA TYR A 92 24.13 -1.18 1.04
C TYR A 92 23.49 -0.12 0.15
N LEU A 93 23.26 -0.41 -1.12
CA LEU A 93 22.66 0.54 -2.10
C LEU A 93 21.22 0.87 -1.68
N TRP A 94 20.42 -0.15 -1.35
CA TRP A 94 19.01 0.02 -0.89
C TRP A 94 18.98 0.98 0.29
N CYS A 95 19.80 0.73 1.32
CA CYS A 95 19.85 1.56 2.56
C CYS A 95 20.29 2.97 2.18
N LYS A 96 21.28 3.09 1.29
CA LYS A 96 21.93 4.38 0.95
C LYS A 96 20.91 5.26 0.21
N GLU A 97 20.06 4.65 -0.62
CA GLU A 97 19.17 5.37 -1.55
C GLU A 97 17.79 5.59 -0.93
N PHE A 98 17.30 4.71 -0.05
CA PHE A 98 15.93 4.80 0.52
C PHE A 98 15.93 5.49 1.89
N LEU A 99 17.04 5.52 2.62
CA LEU A 99 17.07 6.10 3.99
C LEU A 99 17.72 7.47 3.96
N PRO A 100 17.16 8.46 4.68
CA PRO A 100 17.73 9.81 4.71
C PRO A 100 18.90 9.96 5.71
N GLY A 101 19.48 11.16 5.79
CA GLY A 101 20.51 11.54 6.77
C GLY A 101 21.84 10.83 6.54
N ALA A 102 22.44 10.31 7.60
CA ALA A 102 23.81 9.75 7.60
C ALA A 102 23.90 8.59 6.60
N TRP A 103 22.78 7.93 6.28
CA TRP A 103 22.74 6.80 5.31
C TRP A 103 23.15 7.28 3.91
N ARG A 104 22.80 8.50 3.54
CA ARG A 104 22.95 9.02 2.14
C ARG A 104 24.44 9.08 1.79
N GLY A 105 25.32 9.40 2.76
CA GLY A 105 26.76 9.61 2.55
C GLY A 105 27.62 8.53 3.19
N LEU A 106 27.04 7.36 3.46
CA LEU A 106 27.76 6.20 4.06
C LEU A 106 28.56 5.47 2.98
N ARG A 107 29.80 5.08 3.27
CA ARG A 107 30.66 4.25 2.39
C ARG A 107 30.34 2.77 2.62
N GLU A 108 30.54 1.94 1.60
CA GLU A 108 30.40 0.46 1.69
C GLU A 108 31.14 -0.08 2.92
N ASP A 109 32.34 0.43 3.20
CA ASP A 109 33.27 -0.12 4.23
C ASP A 109 32.78 0.22 5.65
N GLU A 110 31.82 1.15 5.80
CA GLU A 110 31.22 1.51 7.12
C GLU A 110 29.87 0.80 7.33
N PHE A 111 29.34 0.12 6.31
CA PHE A 111 28.01 -0.53 6.34
C PHE A 111 28.08 -1.81 7.16
N HIS A 112 27.26 -1.92 8.20
CA HIS A 112 27.10 -3.12 9.06
C HIS A 112 25.81 -3.85 8.68
N ILE A 113 25.91 -5.14 8.36
CA ILE A 113 24.74 -6.02 8.06
C ILE A 113 25.03 -7.41 8.66
N SER A 114 23.97 -8.08 9.16
CA SER A 114 24.03 -9.46 9.72
C SER A 114 22.67 -10.14 9.51
N VAL A 115 22.67 -11.46 9.28
CA VAL A 115 21.45 -12.28 9.07
C VAL A 115 20.68 -12.34 10.41
N ILE A 116 19.35 -12.28 10.34
CA ILE A 116 18.42 -12.57 11.48
C ILE A 116 17.68 -13.89 11.18
N ARG A 117 17.43 -14.17 9.89
CA ARG A 117 16.68 -15.36 9.42
C ARG A 117 17.13 -15.68 8.00
N GLY A 118 17.48 -16.95 7.74
CA GLY A 118 17.76 -17.50 6.40
C GLY A 118 16.50 -18.09 5.78
N GLY A 119 16.66 -19.13 4.96
CA GLY A 119 15.59 -19.71 4.13
C GLY A 119 15.74 -19.25 2.68
N LEU A 120 14.75 -19.57 1.84
CA LEU A 120 14.70 -19.17 0.40
C LEU A 120 13.61 -18.11 0.21
N SER A 121 12.87 -17.77 1.27
CA SER A 121 11.70 -16.86 1.24
C SER A 121 11.67 -16.00 2.52
N ASN A 122 11.53 -14.67 2.37
CA ASN A 122 11.45 -13.67 3.46
C ASN A 122 12.70 -13.79 4.34
N MET A 123 13.89 -13.72 3.73
CA MET A 123 15.19 -13.58 4.44
C MET A 123 15.21 -12.22 5.15
N LEU A 124 15.63 -12.20 6.42
CA LEU A 124 15.72 -10.97 7.24
C LEU A 124 17.20 -10.67 7.51
N PHE A 125 17.58 -9.39 7.40
CA PHE A 125 18.91 -8.86 7.74
C PHE A 125 18.74 -7.62 8.60
N GLN A 126 19.62 -7.42 9.57
CA GLN A 126 19.77 -6.17 10.36
C GLN A 126 20.83 -5.32 9.65
N CYS A 127 20.48 -4.11 9.24
CA CYS A 127 21.42 -3.12 8.64
C CYS A 127 21.55 -1.94 9.60
N SER A 128 22.76 -1.44 9.82
CA SER A 128 22.98 -0.37 10.82
C SER A 128 24.14 0.54 10.45
N LEU A 129 24.05 1.78 10.93
CA LEU A 129 25.15 2.77 10.94
C LEU A 129 26.26 2.27 11.87
N PRO A 130 27.51 2.72 11.68
CA PRO A 130 28.57 2.50 12.67
C PRO A 130 28.18 3.21 13.98
N ASP A 131 28.57 2.65 15.13
CA ASP A 131 28.27 3.23 16.47
C ASP A 131 28.90 4.62 16.57
N THR A 132 29.99 4.85 15.84
CA THR A 132 30.77 6.12 15.86
C THR A 132 30.16 7.17 14.92
N THR A 133 29.20 6.81 14.06
CA THR A 133 28.52 7.75 13.12
C THR A 133 27.34 8.40 13.83
N ALA A 134 27.22 9.72 13.71
CA ALA A 134 26.11 10.54 14.24
C ALA A 134 24.95 10.57 13.23
N THR A 135 23.72 10.48 13.71
CA THR A 135 22.51 10.80 12.91
C THR A 135 22.47 12.32 12.71
N LEU A 136 21.88 12.78 11.61
CA LEU A 136 21.77 14.21 11.23
C LEU A 136 20.36 14.74 11.56
N GLY A 137 19.36 13.86 11.53
CA GLY A 137 17.96 14.18 11.84
C GLY A 137 17.30 13.04 12.60
N ASP A 138 16.14 12.59 12.12
CA ASP A 138 15.32 11.55 12.79
C ASP A 138 15.36 10.25 12.00
N GLU A 139 16.44 10.00 11.25
CA GLU A 139 16.65 8.73 10.51
C GLU A 139 17.01 7.64 11.52
N PRO A 140 16.59 6.37 11.29
CA PRO A 140 16.94 5.29 12.22
C PRO A 140 18.43 4.94 12.17
N ARG A 141 18.97 4.39 13.27
CA ARG A 141 20.36 3.87 13.36
C ARG A 141 20.41 2.46 12.76
N LYS A 142 19.32 1.70 12.90
CA LYS A 142 19.20 0.28 12.46
C LYS A 142 17.86 0.11 11.76
N VAL A 143 17.82 -0.70 10.70
CA VAL A 143 16.58 -1.08 9.96
C VAL A 143 16.60 -2.57 9.70
N LEU A 144 15.43 -3.11 9.36
CA LEU A 144 15.27 -4.52 8.95
C LEU A 144 15.13 -4.54 7.44
N LEU A 145 15.92 -5.37 6.77
CA LEU A 145 15.80 -5.66 5.33
C LEU A 145 15.11 -7.01 5.17
N ARG A 146 13.98 -7.04 4.46
CA ARG A 146 13.22 -8.26 4.14
C ARG A 146 13.32 -8.50 2.64
N LEU A 147 13.97 -9.58 2.22
CA LEU A 147 14.00 -10.02 0.80
C LEU A 147 12.93 -11.10 0.59
N TYR A 148 12.04 -10.91 -0.39
CA TYR A 148 10.94 -11.84 -0.71
C TYR A 148 11.53 -13.18 -1.14
N GLY A 149 12.51 -13.19 -2.04
CA GLY A 149 13.13 -14.43 -2.57
C GLY A 149 12.20 -15.19 -3.50
N ALA A 150 11.84 -16.43 -3.12
CA ALA A 150 10.96 -17.34 -3.90
C ALA A 150 9.49 -17.01 -3.61
N ILE A 151 8.84 -16.26 -4.50
CA ILE A 151 7.39 -15.89 -4.44
C ILE A 151 6.85 -15.80 -5.87
N ALA A 174 3.22 -10.56 -7.06
CA ALA A 174 2.24 -10.02 -8.03
C ALA A 174 1.11 -9.32 -7.28
N GLU A 175 -0.11 -9.89 -7.24
CA GLU A 175 -1.28 -9.34 -6.50
C GLU A 175 -1.40 -9.99 -5.11
N ALA A 176 -0.38 -10.75 -4.68
CA ALA A 176 -0.13 -11.11 -3.27
C ALA A 176 0.75 -10.02 -2.63
N MET A 177 1.67 -9.46 -3.42
CA MET A 177 2.70 -8.50 -2.95
CA MET A 177 2.71 -8.49 -2.96
C MET A 177 2.07 -7.10 -2.76
N VAL A 178 1.08 -6.74 -3.60
CA VAL A 178 0.42 -5.40 -3.45
C VAL A 178 -0.42 -5.42 -2.17
N LEU A 179 -1.16 -6.50 -1.90
CA LEU A 179 -2.06 -6.57 -0.71
C LEU A 179 -1.21 -6.46 0.55
N GLU A 180 -0.16 -7.29 0.67
CA GLU A 180 0.73 -7.35 1.85
C GLU A 180 1.41 -5.98 2.03
N SER A 181 1.90 -5.39 0.94
CA SER A 181 2.60 -4.08 0.92
C SER A 181 1.66 -2.96 1.36
N VAL A 182 0.43 -2.94 0.83
CA VAL A 182 -0.58 -1.91 1.16
C VAL A 182 -0.92 -2.07 2.64
N MET A 183 -1.14 -3.29 3.05
CA MET A 183 -1.53 -3.62 4.43
C MET A 183 -0.42 -3.18 5.39
N PHE A 184 0.83 -3.52 5.09
CA PHE A 184 2.01 -3.13 5.90
C PHE A 184 2.07 -1.59 6.00
N ALA A 185 1.94 -0.90 4.87
CA ALA A 185 1.97 0.58 4.79
C ALA A 185 0.87 1.16 5.68
N ILE A 186 -0.32 0.57 5.63
CA ILE A 186 -1.52 1.06 6.36
C ILE A 186 -1.26 0.88 7.86
N LEU A 187 -0.81 -0.29 8.29
CA LEU A 187 -0.55 -0.57 9.72
C LEU A 187 0.52 0.40 10.23
N ALA A 188 1.54 0.69 9.43
CA ALA A 188 2.61 1.65 9.77
C ALA A 188 2.00 3.05 9.99
N GLU A 189 1.11 3.50 9.10
CA GLU A 189 0.50 4.84 9.19
C GLU A 189 -0.37 4.94 10.46
N ARG A 190 -0.92 3.81 10.91
CA ARG A 190 -1.86 3.77 12.05
C ARG A 190 -1.12 3.49 13.37
N SER A 191 0.21 3.38 13.34
CA SER A 191 1.05 3.09 14.54
C SER A 191 0.65 1.74 15.18
N LEU A 192 0.36 0.74 14.34
CA LEU A 192 0.02 -0.64 14.74
C LEU A 192 1.09 -1.61 14.24
N GLY A 193 2.09 -1.12 13.50
CA GLY A 193 3.14 -1.96 12.93
C GLY A 193 4.45 -1.19 12.82
N PRO A 194 5.56 -1.88 12.49
CA PRO A 194 6.81 -1.18 12.23
C PRO A 194 6.64 -0.14 11.10
N LYS A 195 7.34 0.98 11.17
CA LYS A 195 7.39 2.00 10.09
C LYS A 195 7.89 1.34 8.79
N LEU A 196 7.44 1.82 7.63
CA LEU A 196 7.92 1.33 6.31
C LEU A 196 8.84 2.40 5.70
N TYR A 197 10.11 2.10 5.54
CA TYR A 197 11.17 3.06 5.12
C TYR A 197 11.44 2.92 3.62
N GLY A 198 11.26 1.74 3.05
CA GLY A 198 11.59 1.50 1.64
C GLY A 198 10.83 0.32 1.07
N ILE A 199 10.37 0.43 -0.17
CA ILE A 199 9.74 -0.69 -0.91
C ILE A 199 10.31 -0.71 -2.35
N PHE A 200 10.68 -1.90 -2.80
CA PHE A 200 11.35 -2.17 -4.10
C PHE A 200 11.00 -3.59 -4.50
N PRO A 201 11.22 -4.00 -5.77
CA PRO A 201 10.70 -5.28 -6.26
C PRO A 201 11.19 -6.50 -5.45
N GLN A 202 12.42 -6.44 -4.93
CA GLN A 202 13.10 -7.58 -4.26
C GLN A 202 12.71 -7.69 -2.77
N GLY A 203 12.14 -6.63 -2.18
CA GLY A 203 11.86 -6.62 -0.73
C GLY A 203 11.52 -5.25 -0.18
N ARG A 204 11.82 -5.03 1.10
CA ARG A 204 11.55 -3.71 1.72
C ARG A 204 12.45 -3.48 2.93
N LEU A 205 12.54 -2.21 3.33
CA LEU A 205 13.24 -1.74 4.54
C LEU A 205 12.18 -1.34 5.56
N GLU A 206 12.22 -1.97 6.73
CA GLU A 206 11.25 -1.75 7.84
C GLU A 206 11.98 -1.19 9.05
N GLN A 207 11.26 -0.52 9.95
CA GLN A 207 11.74 -0.19 11.31
C GLN A 207 12.26 -1.47 11.96
N PHE A 208 13.43 -1.41 12.59
CA PHE A 208 13.96 -2.52 13.42
C PHE A 208 13.41 -2.34 14.82
N ILE A 209 12.64 -3.32 15.30
CA ILE A 209 12.03 -3.30 16.67
C ILE A 209 12.87 -4.24 17.54
N PRO A 210 13.68 -3.72 18.48
CA PRO A 210 14.36 -4.57 19.47
C PRO A 210 13.28 -5.32 20.25
N SER A 211 13.35 -6.65 20.19
CA SER A 211 12.28 -7.58 20.60
C SER A 211 12.80 -9.01 20.51
N ARG A 212 12.05 -9.94 21.10
CA ARG A 212 12.13 -11.39 20.79
C ARG A 212 10.70 -11.87 20.57
N ARG A 213 10.55 -13.00 19.90
CA ARG A 213 9.26 -13.73 19.77
C ARG A 213 8.96 -14.39 21.11
N LEU A 214 7.68 -14.65 21.37
CA LEU A 214 7.24 -15.43 22.56
C LEU A 214 7.58 -16.91 22.36
N ASP A 215 7.72 -17.63 23.48
CA ASP A 215 7.68 -19.11 23.56
C ASP A 215 6.23 -19.54 23.82
N THR A 216 5.87 -20.75 23.41
CA THR A 216 4.51 -21.33 23.56
C THR A 216 4.00 -21.17 25.00
N GLU A 217 4.84 -21.45 25.99
CA GLU A 217 4.48 -21.45 27.44
CA GLU A 217 4.39 -21.47 27.42
C GLU A 217 4.00 -20.05 27.86
N GLU A 218 4.55 -19.01 27.20
CA GLU A 218 4.28 -17.59 27.57
C GLU A 218 2.85 -17.19 27.16
N LEU A 219 2.17 -17.93 26.29
CA LEU A 219 0.80 -17.57 25.85
C LEU A 219 -0.16 -17.60 27.03
N SER A 220 0.14 -18.38 28.09
CA SER A 220 -0.77 -18.60 29.25
C SER A 220 -0.43 -17.64 30.39
N LEU A 221 0.67 -16.86 30.31
CA LEU A 221 0.90 -15.76 31.28
C LEU A 221 -0.29 -14.82 31.20
N PRO A 222 -1.01 -14.54 32.31
CA PRO A 222 -2.25 -13.77 32.26
C PRO A 222 -2.11 -12.37 31.63
N ASP A 223 -0.99 -11.70 31.90
CA ASP A 223 -0.70 -10.35 31.34
CA ASP A 223 -0.63 -10.36 31.35
C ASP A 223 -0.45 -10.46 29.83
N ILE A 224 0.22 -11.51 29.37
CA ILE A 224 0.47 -11.76 27.93
C ILE A 224 -0.86 -12.05 27.25
N SER A 225 -1.65 -12.97 27.81
CA SER A 225 -2.92 -13.43 27.22
C SER A 225 -3.85 -12.24 27.07
N ALA A 226 -3.99 -11.43 28.11
CA ALA A 226 -4.89 -10.25 28.14
C ALA A 226 -4.48 -9.27 27.05
N GLU A 227 -3.18 -9.06 26.84
CA GLU A 227 -2.72 -8.10 25.82
C GLU A 227 -2.92 -8.69 24.42
N ILE A 228 -2.68 -9.98 24.22
CA ILE A 228 -2.94 -10.63 22.90
C ILE A 228 -4.42 -10.41 22.56
N ALA A 229 -5.31 -10.53 23.55
CA ALA A 229 -6.76 -10.32 23.37
C ALA A 229 -7.05 -8.87 22.94
N GLU A 230 -6.44 -7.90 23.61
CA GLU A 230 -6.64 -6.46 23.35
C GLU A 230 -6.13 -6.15 21.93
N LYS A 231 -4.96 -6.66 21.58
CA LYS A 231 -4.32 -6.42 20.25
C LYS A 231 -5.18 -7.06 19.15
N MET A 232 -5.64 -8.29 19.36
CA MET A 232 -6.47 -9.04 18.39
C MET A 232 -7.79 -8.29 18.18
N ALA A 233 -8.40 -7.78 19.25
CA ALA A 233 -9.66 -6.99 19.21
C ALA A 233 -9.45 -5.73 18.38
N THR A 234 -8.29 -5.08 18.52
CA THR A 234 -7.93 -3.84 17.78
C THR A 234 -7.82 -4.18 16.29
N PHE A 235 -7.08 -5.24 15.96
CA PHE A 235 -6.93 -5.80 14.58
CA PHE A 235 -6.94 -5.69 14.55
C PHE A 235 -8.32 -6.01 13.96
N HIS A 236 -9.22 -6.67 14.69
CA HIS A 236 -10.59 -7.01 14.25
C HIS A 236 -11.45 -5.74 14.00
N GLY A 237 -11.13 -4.60 14.61
CA GLY A 237 -11.89 -3.35 14.43
C GLY A 237 -11.45 -2.55 13.21
N MET A 238 -10.32 -2.90 12.60
CA MET A 238 -9.69 -2.17 11.47
C MET A 238 -10.53 -2.31 10.20
N LYS A 239 -10.72 -1.19 9.50
CA LYS A 239 -11.19 -1.16 8.09
C LYS A 239 -9.95 -1.33 7.23
N MET A 240 -9.99 -2.32 6.33
CA MET A 240 -8.92 -2.59 5.34
C MET A 240 -9.58 -2.67 3.98
N PRO A 241 -8.90 -2.23 2.91
CA PRO A 241 -9.51 -2.19 1.57
C PRO A 241 -9.46 -3.56 0.87
N PHE A 242 -9.82 -4.63 1.59
CA PHE A 242 -9.79 -6.02 1.08
C PHE A 242 -11.21 -6.59 1.07
N ASN A 243 -11.39 -7.70 0.37
CA ASN A 243 -12.70 -8.39 0.18
C ASN A 243 -13.29 -8.71 1.56
N LYS A 244 -14.51 -8.26 1.82
CA LYS A 244 -15.22 -8.42 3.12
C LYS A 244 -16.06 -9.71 3.12
N GLU A 245 -16.10 -10.46 2.01
CA GLU A 245 -16.80 -11.77 1.93
C GLU A 245 -15.91 -12.82 2.60
N PRO A 246 -16.42 -13.57 3.60
CA PRO A 246 -15.59 -14.53 4.33
C PRO A 246 -15.46 -15.87 3.60
N LYS A 247 -14.83 -15.86 2.42
CA LYS A 247 -14.66 -17.05 1.55
C LYS A 247 -13.37 -17.77 1.92
N TRP A 248 -12.49 -17.12 2.69
CA TRP A 248 -11.10 -17.57 2.92
C TRP A 248 -11.10 -18.94 3.62
N LEU A 249 -11.91 -19.10 4.66
CA LEU A 249 -11.81 -20.29 5.56
C LEU A 249 -12.16 -21.56 4.76
N PHE A 250 -13.38 -21.67 4.24
CA PHE A 250 -13.85 -22.88 3.52
C PHE A 250 -13.21 -22.94 2.13
N GLY A 251 -12.95 -21.79 1.51
CA GLY A 251 -12.22 -21.71 0.22
C GLY A 251 -10.87 -22.40 0.33
N THR A 252 -10.14 -22.12 1.41
CA THR A 252 -8.78 -22.68 1.64
C THR A 252 -8.89 -24.16 2.03
N MET A 253 -9.86 -24.52 2.87
CA MET A 253 -10.04 -25.94 3.29
C MET A 253 -10.41 -26.79 2.06
N GLU A 254 -11.35 -26.31 1.23
CA GLU A 254 -11.76 -27.00 -0.03
C GLU A 254 -10.54 -27.19 -0.93
N LYS A 255 -9.74 -26.14 -1.09
CA LYS A 255 -8.55 -26.16 -2.00
C LYS A 255 -7.54 -27.18 -1.48
N TYR A 256 -7.21 -27.16 -0.20
CA TYR A 256 -6.22 -28.10 0.41
C TYR A 256 -6.78 -29.53 0.33
N LEU A 257 -8.07 -29.73 0.57
CA LEU A 257 -8.71 -31.08 0.55
C LEU A 257 -8.57 -31.67 -0.86
N LYS A 258 -8.83 -30.85 -1.88
CA LYS A 258 -8.75 -31.23 -3.31
C LYS A 258 -7.33 -31.76 -3.60
N GLU A 259 -6.30 -31.06 -3.12
CA GLU A 259 -4.87 -31.46 -3.29
C GLU A 259 -4.59 -32.76 -2.51
N VAL A 260 -5.15 -32.90 -1.32
CA VAL A 260 -4.87 -34.06 -0.42
C VAL A 260 -5.38 -35.34 -1.08
N LEU A 261 -6.57 -35.31 -1.71
CA LEU A 261 -7.20 -36.50 -2.34
C LEU A 261 -6.43 -36.93 -3.59
N ARG A 262 -5.60 -36.05 -4.18
CA ARG A 262 -4.96 -36.27 -5.50
C ARG A 262 -3.49 -36.69 -5.34
N ILE A 263 -2.91 -36.56 -4.15
CA ILE A 263 -1.46 -36.79 -3.93
C ILE A 263 -1.26 -38.27 -3.58
N LYS A 264 -0.22 -38.89 -4.17
CA LYS A 264 0.24 -40.26 -3.84
C LYS A 264 1.70 -40.19 -3.38
N PHE A 265 2.01 -40.87 -2.28
CA PHE A 265 3.39 -41.06 -1.75
C PHE A 265 3.94 -42.39 -2.28
N THR A 266 5.25 -42.52 -2.32
CA THR A 266 6.00 -43.75 -2.72
C THR A 266 6.60 -44.41 -1.47
N GLU A 267 7.05 -43.60 -0.51
CA GLU A 267 7.67 -44.02 0.77
C GLU A 267 6.61 -44.75 1.60
N GLU A 268 6.95 -45.92 2.15
CA GLU A 268 6.00 -46.85 2.83
C GLU A 268 5.35 -46.17 4.05
N SER A 269 6.16 -45.50 4.88
CA SER A 269 5.74 -44.82 6.14
C SER A 269 4.67 -43.76 5.85
N ARG A 270 4.86 -43.00 4.77
CA ARG A 270 3.99 -41.85 4.39
C ARG A 270 2.67 -42.37 3.81
N ILE A 271 2.71 -43.48 3.07
CA ILE A 271 1.48 -44.13 2.51
C ILE A 271 0.61 -44.59 3.67
N LYS A 272 1.21 -45.18 4.71
CA LYS A 272 0.46 -45.72 5.89
C LYS A 272 -0.17 -44.56 6.66
N LYS A 273 0.59 -43.49 6.89
CA LYS A 273 0.13 -42.27 7.62
C LYS A 273 -1.00 -41.60 6.83
N LEU A 274 -0.84 -41.43 5.52
CA LEU A 274 -1.88 -40.81 4.65
C LEU A 274 -3.14 -41.67 4.68
N HIS A 275 -2.99 -43.00 4.64
CA HIS A 275 -4.13 -43.94 4.59
C HIS A 275 -4.98 -43.79 5.85
N LYS A 276 -4.34 -43.61 7.02
CA LYS A 276 -5.06 -43.41 8.31
C LYS A 276 -5.86 -42.12 8.26
N LEU A 277 -5.25 -41.03 7.78
CA LEU A 277 -5.90 -39.69 7.74
C LEU A 277 -7.10 -39.73 6.79
N LEU A 278 -6.97 -40.34 5.61
CA LEU A 278 -8.08 -40.44 4.61
C LEU A 278 -9.21 -41.30 5.15
N SER A 279 -8.91 -42.22 6.09
CA SER A 279 -9.89 -43.19 6.67
C SER A 279 -10.96 -42.47 7.50
N TYR A 280 -10.73 -41.22 7.87
CA TYR A 280 -11.67 -40.38 8.65
C TYR A 280 -12.83 -39.86 7.79
N ASN A 281 -12.73 -40.03 6.46
CA ASN A 281 -13.70 -39.51 5.45
C ASN A 281 -13.68 -37.97 5.55
N LEU A 282 -12.58 -37.38 5.09
CA LEU A 282 -12.30 -35.93 5.22
C LEU A 282 -13.37 -35.14 4.48
N PRO A 283 -13.78 -35.54 3.24
CA PRO A 283 -14.81 -34.80 2.51
C PRO A 283 -16.14 -34.72 3.29
N LEU A 284 -16.54 -35.81 3.96
CA LEU A 284 -17.77 -35.82 4.80
C LEU A 284 -17.56 -34.90 6.01
N GLU A 285 -16.43 -35.05 6.70
CA GLU A 285 -16.11 -34.28 7.92
C GLU A 285 -16.15 -32.79 7.58
N LEU A 286 -15.57 -32.39 6.45
CA LEU A 286 -15.60 -30.98 5.97
C LEU A 286 -17.05 -30.49 5.89
N GLU A 287 -17.97 -31.32 5.39
CA GLU A 287 -19.39 -30.93 5.18
C GLU A 287 -20.12 -30.86 6.53
N ASN A 288 -19.82 -31.75 7.47
CA ASN A 288 -20.37 -31.67 8.85
C ASN A 288 -19.90 -30.36 9.48
N LEU A 289 -18.62 -30.03 9.30
CA LEU A 289 -18.00 -28.80 9.87
C LEU A 289 -18.69 -27.57 9.26
N ARG A 290 -18.97 -27.61 7.96
CA ARG A 290 -19.63 -26.47 7.27
C ARG A 290 -21.00 -26.22 7.90
N SER A 291 -21.78 -27.26 8.14
CA SER A 291 -23.17 -27.11 8.65
C SER A 291 -23.13 -26.65 10.11
N LEU A 292 -22.12 -27.12 10.88
CA LEU A 292 -21.93 -26.69 12.29
C LEU A 292 -21.59 -25.18 12.32
N LEU A 293 -20.61 -24.76 11.53
CA LEU A 293 -20.12 -23.35 11.54
C LEU A 293 -21.16 -22.40 10.93
N GLU A 294 -21.92 -22.81 9.91
CA GLU A 294 -23.05 -22.02 9.32
C GLU A 294 -24.13 -21.71 10.36
N SER A 295 -24.30 -22.59 11.35
CA SER A 295 -25.31 -22.42 12.44
C SER A 295 -24.69 -21.70 13.64
N THR A 296 -23.41 -21.29 13.54
CA THR A 296 -22.65 -20.62 14.63
C THR A 296 -22.38 -19.18 14.25
N PRO A 297 -23.19 -18.21 14.73
CA PRO A 297 -22.97 -16.79 14.43
C PRO A 297 -21.59 -16.35 14.93
N SER A 298 -20.84 -15.67 14.06
CA SER A 298 -19.49 -15.14 14.32
C SER A 298 -19.29 -13.96 13.38
N PRO A 299 -19.09 -12.72 13.89
CA PRO A 299 -18.96 -11.56 13.02
C PRO A 299 -17.75 -11.73 12.08
N VAL A 300 -17.88 -11.23 10.86
CA VAL A 300 -16.76 -11.18 9.87
C VAL A 300 -15.94 -9.93 10.20
N VAL A 301 -14.63 -10.12 10.40
CA VAL A 301 -13.69 -9.06 10.83
C VAL A 301 -12.37 -9.33 10.14
N PHE A 302 -11.48 -8.35 10.16
CA PHE A 302 -10.11 -8.51 9.62
C PHE A 302 -9.33 -9.36 10.62
N CYS A 303 -8.97 -10.58 10.22
CA CYS A 303 -8.34 -11.62 11.07
C CYS A 303 -6.88 -11.76 10.67
N HIS A 304 -6.04 -12.05 11.66
CA HIS A 304 -4.61 -12.37 11.46
C HIS A 304 -4.52 -13.76 10.82
N ASN A 305 -5.29 -14.72 11.34
CA ASN A 305 -5.43 -16.12 10.83
C ASN A 305 -4.24 -17.00 11.24
N ASP A 306 -3.25 -16.47 11.97
CA ASP A 306 -2.02 -17.21 12.32
C ASP A 306 -1.43 -16.62 13.61
N CYS A 307 -2.28 -16.26 14.57
CA CYS A 307 -1.87 -15.55 15.79
C CYS A 307 -1.30 -16.56 16.78
N GLN A 308 0.02 -16.77 16.69
CA GLN A 308 0.79 -17.77 17.47
C GLN A 308 2.05 -17.08 17.99
N GLU A 309 2.74 -17.74 18.93
CA GLU A 309 3.87 -17.19 19.71
C GLU A 309 4.94 -16.62 18.75
N GLY A 310 5.18 -17.29 17.62
CA GLY A 310 6.20 -16.92 16.63
C GLY A 310 5.90 -15.61 15.91
N ASN A 311 4.63 -15.15 15.96
CA ASN A 311 4.15 -13.91 15.29
C ASN A 311 3.82 -12.84 16.34
N ILE A 312 4.27 -13.03 17.59
CA ILE A 312 4.06 -12.03 18.67
C ILE A 312 5.42 -11.59 19.22
N LEU A 313 5.72 -10.29 19.13
CA LEU A 313 7.00 -9.70 19.63
C LEU A 313 6.79 -9.17 21.04
N LEU A 314 7.68 -9.54 21.94
CA LEU A 314 7.86 -8.89 23.27
C LEU A 314 8.87 -7.75 23.05
N LEU A 315 8.45 -6.52 23.29
CA LEU A 315 9.27 -5.31 23.00
C LEU A 315 10.34 -5.11 24.08
N GLU A 316 11.62 -5.08 23.70
CA GLU A 316 12.76 -4.85 24.62
C GLU A 316 12.53 -3.54 25.39
N GLY A 317 12.70 -3.58 26.72
CA GLY A 317 12.56 -2.44 27.63
C GLY A 317 11.17 -2.35 28.25
N ARG A 318 10.19 -3.09 27.74
CA ARG A 318 8.78 -2.96 28.19
C ARG A 318 8.35 -4.15 29.08
N GLU A 319 9.28 -5.02 29.48
CA GLU A 319 9.01 -6.27 30.24
C GLU A 319 8.27 -5.97 31.56
N ASN A 320 8.54 -4.83 32.19
CA ASN A 320 7.97 -4.45 33.51
C ASN A 320 6.57 -3.83 33.35
N SER A 321 6.12 -3.55 32.13
CA SER A 321 4.78 -2.99 31.88
C SER A 321 3.73 -4.12 31.83
N GLU A 322 2.63 -3.99 32.56
CA GLU A 322 1.52 -4.98 32.56
C GLU A 322 0.90 -5.05 31.15
N LYS A 323 0.61 -3.88 30.57
CA LYS A 323 -0.01 -3.69 29.23
C LYS A 323 1.02 -3.08 28.27
N GLN A 324 0.71 -3.10 26.96
CA GLN A 324 1.47 -2.40 25.89
C GLN A 324 2.95 -2.82 25.87
N LYS A 325 3.24 -4.12 25.89
CA LYS A 325 4.61 -4.64 25.68
C LYS A 325 4.68 -5.64 24.52
N LEU A 326 3.60 -5.82 23.77
CA LEU A 326 3.58 -6.77 22.63
C LEU A 326 3.27 -6.03 21.33
N MET A 327 3.61 -6.67 20.22
CA MET A 327 3.23 -6.28 18.85
C MET A 327 2.95 -7.57 18.06
N LEU A 328 1.81 -7.64 17.37
CA LEU A 328 1.46 -8.70 16.39
C LEU A 328 2.15 -8.39 15.06
N ILE A 329 2.78 -9.39 14.44
CA ILE A 329 3.46 -9.24 13.13
C ILE A 329 3.04 -10.40 12.23
N ASP A 330 3.51 -10.37 10.97
CA ASP A 330 3.48 -11.48 9.98
C ASP A 330 2.03 -11.77 9.61
N PHE A 331 1.51 -10.96 8.70
CA PHE A 331 0.08 -10.93 8.29
CA PHE A 331 0.08 -10.95 8.30
C PHE A 331 -0.07 -11.63 6.93
N GLU A 332 0.80 -12.61 6.65
CA GLU A 332 0.83 -13.39 5.39
CA GLU A 332 0.83 -13.39 5.39
C GLU A 332 -0.56 -13.98 5.10
N TYR A 333 -1.25 -14.50 6.12
CA TYR A 333 -2.51 -15.27 5.96
C TYR A 333 -3.72 -14.40 6.29
N SER A 334 -3.52 -13.11 6.54
CA SER A 334 -4.59 -12.19 6.99
C SER A 334 -5.64 -12.05 5.90
N SER A 335 -6.89 -11.94 6.32
CA SER A 335 -8.06 -11.78 5.43
C SER A 335 -9.27 -11.48 6.31
N TYR A 336 -10.34 -11.01 5.69
CA TYR A 336 -11.67 -10.96 6.35
C TYR A 336 -12.09 -12.42 6.55
N ASN A 337 -12.48 -12.74 7.78
CA ASN A 337 -12.73 -14.13 8.23
C ASN A 337 -13.62 -14.04 9.45
N TYR A 338 -14.19 -15.16 9.86
CA TYR A 338 -14.99 -15.27 11.11
C TYR A 338 -14.04 -15.02 12.29
N ARG A 339 -14.45 -14.10 13.18
CA ARG A 339 -13.73 -13.78 14.43
C ARG A 339 -13.41 -15.07 15.20
N GLY A 340 -14.38 -15.99 15.24
CA GLY A 340 -14.24 -17.24 16.00
C GLY A 340 -12.98 -17.99 15.61
N PHE A 341 -12.60 -17.93 14.33
CA PHE A 341 -11.41 -18.65 13.82
C PHE A 341 -10.13 -18.03 14.41
N ASP A 342 -10.04 -16.71 14.44
CA ASP A 342 -8.82 -16.00 14.92
C ASP A 342 -8.58 -16.39 16.38
N ILE A 343 -9.62 -16.36 17.20
CA ILE A 343 -9.49 -16.71 18.65
C ILE A 343 -9.32 -18.23 18.80
N GLY A 344 -10.18 -19.02 18.16
CA GLY A 344 -10.09 -20.49 18.17
C GLY A 344 -8.68 -20.95 17.80
N ASN A 345 -8.14 -20.40 16.71
CA ASN A 345 -6.80 -20.76 16.21
C ASN A 345 -5.74 -20.40 17.27
N HIS A 346 -5.87 -19.24 17.89
CA HIS A 346 -4.95 -18.76 18.94
C HIS A 346 -4.99 -19.74 20.12
N PHE A 347 -6.18 -20.13 20.58
CA PHE A 347 -6.34 -21.11 21.69
C PHE A 347 -5.67 -22.44 21.30
N CYS A 348 -5.87 -22.90 20.06
CA CYS A 348 -5.23 -24.16 19.57
C CYS A 348 -3.71 -24.05 19.71
N GLU A 349 -3.16 -22.86 19.46
CA GLU A 349 -1.69 -22.65 19.39
C GLU A 349 -1.05 -22.70 20.78
N TRP A 350 -1.85 -22.71 21.85
CA TRP A 350 -1.33 -23.01 23.22
C TRP A 350 -0.72 -24.42 23.25
N MET A 351 -1.20 -25.34 22.40
CA MET A 351 -0.87 -26.79 22.46
C MET A 351 0.35 -27.12 21.60
N TYR A 352 0.84 -26.21 20.77
CA TYR A 352 1.85 -26.51 19.72
C TYR A 352 3.09 -25.65 19.93
N ASP A 353 4.25 -26.32 20.06
CA ASP A 353 5.60 -25.72 20.17
C ASP A 353 6.41 -26.13 18.95
N TYR A 354 6.75 -25.17 18.08
CA TYR A 354 7.45 -25.39 16.79
C TYR A 354 8.97 -25.22 16.94
N SER A 355 9.49 -25.13 18.17
CA SER A 355 10.93 -24.86 18.46
C SER A 355 11.67 -26.13 18.88
N TYR A 356 11.02 -27.30 18.90
CA TYR A 356 11.64 -28.59 19.32
C TYR A 356 12.75 -28.91 18.31
N GLU A 357 13.93 -29.31 18.81
CA GLU A 357 15.20 -29.33 18.02
C GLU A 357 15.42 -30.71 17.39
N LYS A 358 14.59 -31.71 17.76
CA LYS A 358 14.65 -33.09 17.20
C LYS A 358 13.37 -33.38 16.44
N TYR A 359 13.44 -34.26 15.43
CA TYR A 359 12.28 -34.77 14.64
C TYR A 359 11.20 -35.19 15.63
N PRO A 360 9.90 -34.88 15.40
CA PRO A 360 9.42 -34.19 14.19
C PRO A 360 9.46 -32.65 14.21
N PHE A 361 10.22 -32.06 15.14
CA PHE A 361 10.54 -30.61 15.23
C PHE A 361 9.32 -29.81 15.73
N PHE A 362 8.35 -30.49 16.34
CA PHE A 362 7.27 -29.85 17.13
C PHE A 362 6.95 -30.75 18.32
N ARG A 363 6.34 -30.16 19.36
CA ARG A 363 5.71 -30.88 20.48
C ARG A 363 4.23 -30.50 20.50
N ALA A 364 3.33 -31.45 20.74
CA ALA A 364 1.87 -31.23 20.89
C ALA A 364 1.46 -31.72 22.27
N ASN A 365 0.70 -30.92 23.00
CA ASN A 365 0.19 -31.27 24.35
C ASN A 365 -1.27 -30.80 24.47
N ILE A 366 -2.20 -31.74 24.34
CA ILE A 366 -3.67 -31.50 24.38
C ILE A 366 -4.06 -30.85 25.71
N ARG A 367 -3.29 -31.06 26.78
CA ARG A 367 -3.66 -30.60 28.15
CA ARG A 367 -3.63 -30.60 28.15
C ARG A 367 -3.36 -29.11 28.30
N LYS A 368 -2.59 -28.53 27.37
CA LYS A 368 -2.20 -27.09 27.40
C LYS A 368 -3.29 -26.20 26.80
N TYR A 369 -4.33 -26.76 26.17
CA TYR A 369 -5.47 -25.96 25.67
C TYR A 369 -5.99 -25.12 26.84
N PRO A 370 -6.33 -23.84 26.65
CA PRO A 370 -6.78 -23.00 27.76
C PRO A 370 -8.01 -23.61 28.43
N THR A 371 -8.03 -23.54 29.77
CA THR A 371 -9.20 -23.88 30.61
C THR A 371 -10.28 -22.84 30.36
N LYS A 372 -11.53 -23.12 30.75
CA LYS A 372 -12.65 -22.16 30.63
C LYS A 372 -12.25 -20.84 31.32
N LYS A 373 -11.54 -20.92 32.44
CA LYS A 373 -11.12 -19.74 33.24
C LYS A 373 -10.12 -18.90 32.42
N GLN A 374 -9.16 -19.54 31.77
CA GLN A 374 -8.14 -18.88 30.90
C GLN A 374 -8.82 -18.29 29.67
N GLN A 375 -9.81 -18.98 29.10
CA GLN A 375 -10.61 -18.50 27.93
C GLN A 375 -11.40 -17.26 28.34
N LEU A 376 -12.03 -17.26 29.51
CA LEU A 376 -12.84 -16.13 30.04
C LEU A 376 -11.91 -14.94 30.32
N HIS A 377 -10.71 -15.19 30.83
CA HIS A 377 -9.71 -14.12 31.08
C HIS A 377 -9.39 -13.44 29.74
N PHE A 378 -9.16 -14.23 28.70
CA PHE A 378 -8.81 -13.76 27.34
C PHE A 378 -9.96 -12.89 26.81
N ILE A 379 -11.19 -13.41 26.82
CA ILE A 379 -12.31 -12.69 26.15
C ILE A 379 -12.79 -11.53 27.03
N SER A 380 -12.53 -11.57 28.34
CA SER A 380 -12.82 -10.44 29.27
C SER A 380 -11.97 -9.22 28.90
N SER A 381 -10.78 -9.47 28.35
CA SER A 381 -9.88 -8.41 27.83
C SER A 381 -10.25 -8.03 26.37
N TYR A 382 -10.66 -9.00 25.56
CA TYR A 382 -11.04 -8.82 24.14
C TYR A 382 -12.30 -7.95 23.99
N LEU A 383 -13.35 -8.28 24.72
CA LEU A 383 -14.69 -7.68 24.52
C LEU A 383 -14.70 -6.17 24.75
N PRO A 384 -14.16 -5.65 25.88
CA PRO A 384 -14.10 -4.19 26.07
C PRO A 384 -13.20 -3.48 25.04
N ALA A 385 -12.18 -4.15 24.52
CA ALA A 385 -11.31 -3.60 23.45
C ALA A 385 -12.07 -3.57 22.10
N PHE A 386 -13.06 -4.43 21.89
CA PHE A 386 -13.76 -4.62 20.59
C PHE A 386 -15.09 -3.87 20.56
N GLN A 387 -15.72 -3.67 21.72
CA GLN A 387 -17.13 -3.22 21.84
C GLN A 387 -17.17 -2.11 22.89
N ASN A 388 -17.32 -0.87 22.41
CA ASN A 388 -17.36 0.38 23.23
C ASN A 388 -18.37 0.21 24.36
N ASP A 389 -17.94 0.44 25.60
CA ASP A 389 -18.81 0.53 26.80
C ASP A 389 -19.42 -0.85 27.09
N PHE A 390 -18.70 -1.92 26.74
CA PHE A 390 -19.04 -3.32 27.14
C PHE A 390 -19.14 -3.40 28.67
N GLU A 391 -18.22 -2.74 29.38
CA GLU A 391 -18.10 -2.81 30.86
C GLU A 391 -19.35 -2.23 31.54
N ASN A 392 -20.12 -1.38 30.85
CA ASN A 392 -21.30 -0.67 31.38
C ASN A 392 -22.58 -1.53 31.23
N LEU A 393 -22.51 -2.62 30.46
CA LEU A 393 -23.64 -3.57 30.34
C LEU A 393 -23.86 -4.23 31.71
N SER A 394 -25.08 -4.71 31.98
CA SER A 394 -25.44 -5.51 33.17
C SER A 394 -24.55 -6.75 33.26
N THR A 395 -24.22 -7.18 34.48
CA THR A 395 -23.43 -8.39 34.76
C THR A 395 -24.04 -9.60 34.04
N GLU A 396 -25.37 -9.66 33.92
CA GLU A 396 -26.09 -10.80 33.29
C GLU A 396 -25.83 -10.78 31.78
N GLU A 397 -25.91 -9.60 31.14
CA GLU A 397 -25.71 -9.46 29.68
C GLU A 397 -24.25 -9.77 29.34
N LYS A 398 -23.31 -9.31 30.16
CA LYS A 398 -21.85 -9.56 29.98
C LYS A 398 -21.61 -11.07 30.00
N SER A 399 -22.22 -11.74 30.97
CA SER A 399 -22.06 -13.20 31.19
C SER A 399 -22.61 -13.96 29.97
N ILE A 400 -23.77 -13.56 29.46
CA ILE A 400 -24.43 -14.19 28.29
C ILE A 400 -23.54 -14.02 27.05
N ILE A 401 -23.03 -12.81 26.79
CA ILE A 401 -22.17 -12.54 25.59
C ILE A 401 -20.91 -13.42 25.71
N LYS A 402 -20.34 -13.52 26.91
CA LYS A 402 -19.09 -14.30 27.15
C LYS A 402 -19.35 -15.78 26.89
N GLU A 403 -20.45 -16.32 27.41
CA GLU A 403 -20.79 -17.76 27.30
C GLU A 403 -21.01 -18.10 25.81
N GLU A 404 -21.71 -17.24 25.08
CA GLU A 404 -21.97 -17.45 23.63
C GLU A 404 -20.63 -17.42 22.89
N MET A 405 -19.73 -16.52 23.26
CA MET A 405 -18.42 -16.38 22.56
C MET A 405 -17.56 -17.63 22.78
N LEU A 406 -17.60 -18.24 23.97
CA LEU A 406 -16.86 -19.50 24.25
C LEU A 406 -17.37 -20.62 23.33
N LEU A 407 -18.69 -20.75 23.15
CA LEU A 407 -19.27 -21.76 22.22
C LEU A 407 -18.72 -21.47 20.82
N GLU A 408 -18.82 -20.22 20.40
CA GLU A 408 -18.36 -19.72 19.07
C GLU A 408 -16.89 -20.11 18.85
N VAL A 409 -15.97 -19.69 19.72
CA VAL A 409 -14.52 -19.82 19.43
C VAL A 409 -14.12 -21.29 19.50
N ASN A 410 -14.75 -22.09 20.37
CA ASN A 410 -14.39 -23.52 20.55
C ASN A 410 -14.93 -24.33 19.36
N ARG A 411 -16.02 -23.92 18.73
CA ARG A 411 -16.50 -24.54 17.48
C ARG A 411 -15.56 -24.18 16.33
N PHE A 412 -15.15 -22.91 16.22
CA PHE A 412 -14.27 -22.44 15.12
C PHE A 412 -12.86 -23.02 15.31
N ALA A 413 -12.47 -23.35 16.55
CA ALA A 413 -11.18 -24.02 16.83
C ALA A 413 -11.12 -25.33 16.02
N LEU A 414 -12.25 -26.03 15.80
CA LEU A 414 -12.28 -27.27 14.97
C LEU A 414 -11.74 -26.97 13.57
N ALA A 415 -12.10 -25.81 13.00
CA ALA A 415 -11.65 -25.38 11.66
C ALA A 415 -10.14 -25.12 11.66
N SER A 416 -9.57 -24.69 12.79
CA SER A 416 -8.10 -24.52 12.94
C SER A 416 -7.42 -25.89 12.73
N HIS A 417 -7.85 -26.91 13.46
CA HIS A 417 -7.31 -28.29 13.34
C HIS A 417 -7.47 -28.78 11.89
N PHE A 418 -8.66 -28.63 11.32
CA PHE A 418 -8.99 -29.17 9.98
C PHE A 418 -8.13 -28.47 8.94
N LEU A 419 -8.14 -27.13 8.92
CA LEU A 419 -7.43 -26.34 7.89
C LEU A 419 -5.94 -26.64 7.97
N TRP A 420 -5.32 -26.52 9.13
CA TRP A 420 -3.84 -26.67 9.27
C TRP A 420 -3.44 -28.14 9.15
N GLY A 421 -4.33 -29.06 9.52
CA GLY A 421 -4.15 -30.50 9.25
C GLY A 421 -4.03 -30.79 7.77
N LEU A 422 -5.00 -30.31 6.98
CA LEU A 422 -4.97 -30.45 5.50
C LEU A 422 -3.71 -29.78 4.97
N TRP A 423 -3.43 -28.55 5.40
CA TRP A 423 -2.25 -27.76 4.99
C TRP A 423 -0.99 -28.59 5.15
N SER A 424 -0.82 -29.23 6.31
CA SER A 424 0.39 -29.99 6.69
C SER A 424 0.56 -31.21 5.75
N ILE A 425 -0.52 -31.89 5.39
CA ILE A 425 -0.46 -33.05 4.46
C ILE A 425 0.12 -32.56 3.12
N VAL A 426 -0.39 -31.44 2.59
CA VAL A 426 0.09 -30.87 1.31
C VAL A 426 1.58 -30.50 1.46
N GLN A 427 1.95 -29.84 2.55
CA GLN A 427 3.37 -29.47 2.82
C GLN A 427 4.24 -30.73 2.78
N ALA A 428 3.74 -31.87 3.30
CA ALA A 428 4.47 -33.16 3.30
C ALA A 428 4.99 -33.46 1.90
N LYS A 429 4.21 -33.19 0.85
CA LYS A 429 4.63 -33.46 -0.55
C LYS A 429 5.53 -32.34 -1.08
N ILE A 430 5.15 -31.06 -0.91
CA ILE A 430 5.68 -29.92 -1.73
C ILE A 430 6.75 -29.11 -0.98
N SER A 431 6.80 -29.16 0.35
CA SER A 431 7.74 -28.34 1.16
C SER A 431 9.14 -28.93 1.15
N SER A 432 10.16 -28.05 1.16
CA SER A 432 11.61 -28.38 1.23
C SER A 432 12.15 -28.03 2.62
N ILE A 433 11.29 -27.59 3.53
CA ILE A 433 11.62 -27.32 4.96
C ILE A 433 11.54 -28.66 5.71
N GLU A 434 12.57 -29.01 6.49
CA GLU A 434 12.64 -30.28 7.25
C GLU A 434 11.69 -30.17 8.46
N PHE A 435 10.67 -31.03 8.52
CA PHE A 435 9.58 -30.98 9.53
C PHE A 435 8.71 -32.23 9.39
N GLY A 436 8.22 -32.74 10.53
CA GLY A 436 7.32 -33.90 10.59
C GLY A 436 5.90 -33.52 10.22
N TYR A 437 5.68 -33.13 8.95
CA TYR A 437 4.39 -32.61 8.45
C TYR A 437 3.27 -33.63 8.68
N MET A 438 3.53 -34.91 8.39
CA MET A 438 2.51 -35.99 8.52
C MET A 438 2.20 -36.24 10.01
N ASP A 439 3.20 -36.22 10.88
CA ASP A 439 3.00 -36.35 12.36
C ASP A 439 2.18 -35.15 12.86
N TYR A 440 2.46 -33.95 12.37
CA TYR A 440 1.77 -32.70 12.76
C TYR A 440 0.30 -32.80 12.32
N ALA A 441 0.06 -33.28 11.09
CA ALA A 441 -1.31 -33.46 10.55
C ALA A 441 -2.09 -34.37 11.49
N GLN A 442 -1.48 -35.49 11.91
CA GLN A 442 -2.11 -36.50 12.80
C GLN A 442 -2.42 -35.83 14.15
N ALA A 443 -1.50 -35.03 14.68
CA ALA A 443 -1.70 -34.28 15.95
C ALA A 443 -2.90 -33.34 15.82
N ARG A 444 -3.02 -32.62 14.70
CA ARG A 444 -4.16 -31.68 14.47
C ARG A 444 -5.47 -32.47 14.40
N PHE A 445 -5.52 -33.60 13.69
CA PHE A 445 -6.75 -34.43 13.57
C PHE A 445 -7.06 -35.14 14.90
N ASP A 446 -6.04 -35.57 15.66
CA ASP A 446 -6.27 -36.12 17.03
C ASP A 446 -6.98 -35.05 17.88
N ALA A 447 -6.49 -33.81 17.83
CA ALA A 447 -7.07 -32.65 18.56
C ALA A 447 -8.48 -32.36 18.05
N TYR A 448 -8.69 -32.44 16.75
CA TYR A 448 -10.02 -32.20 16.11
C TYR A 448 -11.06 -33.12 16.75
N PHE A 449 -10.75 -34.41 16.86
CA PHE A 449 -11.70 -35.43 17.40
C PHE A 449 -11.79 -35.27 18.92
N HIS A 450 -10.70 -34.94 19.60
CA HIS A 450 -10.72 -34.63 21.06
C HIS A 450 -11.67 -33.46 21.32
N GLN A 451 -11.58 -32.38 20.54
CA GLN A 451 -12.42 -31.17 20.70
C GLN A 451 -13.88 -31.50 20.34
N LYS A 452 -14.09 -32.28 19.28
CA LYS A 452 -15.45 -32.74 18.87
C LYS A 452 -16.15 -33.40 20.08
N ARG A 453 -15.45 -34.34 20.74
CA ARG A 453 -15.95 -35.08 21.93
C ARG A 453 -16.29 -34.08 23.05
N LYS A 454 -15.38 -33.15 23.36
CA LYS A 454 -15.54 -32.14 24.44
C LYS A 454 -16.81 -31.32 24.16
N LEU A 455 -17.11 -30.99 22.91
CA LEU A 455 -18.26 -30.14 22.52
C LEU A 455 -19.56 -30.94 22.48
N GLY A 456 -19.49 -32.27 22.39
CA GLY A 456 -20.66 -33.17 22.24
C GLY A 456 -21.33 -32.99 20.89
N VAL A 457 -20.54 -32.83 19.82
CA VAL A 457 -21.04 -32.63 18.42
C VAL A 457 -20.49 -33.75 17.52
N GLU B 81 -22.49 7.07 -21.15
CA GLU B 81 -23.00 7.36 -19.76
C GLU B 81 -23.33 6.04 -19.04
N GLN B 82 -23.84 5.02 -19.73
CA GLN B 82 -24.13 3.69 -19.14
C GLN B 82 -22.99 2.73 -19.49
N PRO B 83 -22.55 1.85 -18.56
CA PRO B 83 -21.46 0.92 -18.84
C PRO B 83 -21.93 -0.31 -19.64
N GLU B 84 -20.97 -1.06 -20.17
CA GLU B 84 -21.20 -2.32 -20.93
C GLU B 84 -21.81 -3.34 -19.97
N PRO B 85 -22.23 -4.54 -20.44
CA PRO B 85 -22.99 -5.46 -19.60
C PRO B 85 -22.13 -6.13 -18.52
N ARG B 86 -20.97 -6.65 -18.95
CA ARG B 86 -19.98 -7.34 -18.08
C ARG B 86 -19.44 -6.37 -17.03
N THR B 87 -19.25 -5.10 -17.38
CA THR B 87 -18.66 -4.05 -16.49
C THR B 87 -19.68 -3.69 -15.40
N ARG B 88 -20.96 -3.58 -15.76
CA ARG B 88 -22.06 -3.33 -14.78
C ARG B 88 -21.98 -4.41 -13.69
N ARG B 89 -21.80 -5.67 -14.11
CA ARG B 89 -21.93 -6.87 -13.25
C ARG B 89 -20.67 -6.96 -12.36
N ARG B 90 -19.49 -6.76 -12.95
CA ARG B 90 -18.19 -6.81 -12.21
C ARG B 90 -18.15 -5.66 -11.21
N ALA B 91 -18.61 -4.47 -11.59
CA ALA B 91 -18.65 -3.28 -10.71
C ALA B 91 -19.56 -3.58 -9.51
N TYR B 92 -20.69 -4.24 -9.75
CA TYR B 92 -21.69 -4.60 -8.72
C TYR B 92 -21.05 -5.55 -7.68
N LEU B 93 -20.35 -6.59 -8.14
CA LEU B 93 -19.68 -7.59 -7.26
C LEU B 93 -18.60 -6.89 -6.42
N TRP B 94 -17.74 -6.09 -7.06
CA TRP B 94 -16.66 -5.34 -6.37
C TRP B 94 -17.25 -4.49 -5.25
N CYS B 95 -18.27 -3.69 -5.54
CA CYS B 95 -18.91 -2.81 -4.54
C CYS B 95 -19.54 -3.67 -3.44
N LYS B 96 -20.18 -4.78 -3.80
CA LYS B 96 -20.94 -5.64 -2.86
C LYS B 96 -19.96 -6.29 -1.87
N GLU B 97 -18.79 -6.68 -2.36
CA GLU B 97 -17.81 -7.53 -1.63
C GLU B 97 -16.80 -6.66 -0.87
N PHE B 98 -16.45 -5.46 -1.37
CA PHE B 98 -15.39 -4.61 -0.77
C PHE B 98 -15.97 -3.53 0.14
N LEU B 99 -17.24 -3.16 -0.02
CA LEU B 99 -17.83 -2.04 0.77
C LEU B 99 -18.69 -2.59 1.89
N PRO B 100 -18.62 -2.03 3.11
CA PRO B 100 -19.42 -2.49 4.24
C PRO B 100 -20.84 -1.90 4.23
N GLY B 101 -21.66 -2.31 5.21
CA GLY B 101 -23.01 -1.76 5.45
C GLY B 101 -24.00 -2.16 4.35
N ALA B 102 -24.81 -1.19 3.89
CA ALA B 102 -25.95 -1.44 2.98
C ALA B 102 -25.48 -2.09 1.67
N TRP B 103 -24.20 -1.89 1.31
CA TRP B 103 -23.59 -2.47 0.08
C TRP B 103 -23.59 -4.00 0.16
N ARG B 104 -23.43 -4.58 1.35
CA ARG B 104 -23.22 -6.04 1.54
C ARG B 104 -24.47 -6.82 1.07
N GLY B 105 -25.67 -6.26 1.26
CA GLY B 105 -26.95 -6.92 0.96
C GLY B 105 -27.69 -6.30 -0.22
N LEU B 106 -26.98 -5.60 -1.10
CA LEU B 106 -27.57 -4.90 -2.28
C LEU B 106 -27.79 -5.91 -3.41
N ARG B 107 -28.95 -5.84 -4.08
CA ARG B 107 -29.27 -6.66 -5.28
C ARG B 107 -28.76 -5.95 -6.53
N GLU B 108 -28.43 -6.72 -7.58
CA GLU B 108 -28.08 -6.26 -8.96
C GLU B 108 -28.99 -5.09 -9.37
N ASP B 109 -30.30 -5.25 -9.18
CA ASP B 109 -31.35 -4.37 -9.75
C ASP B 109 -31.42 -3.04 -9.00
N GLU B 110 -30.76 -2.91 -7.84
CA GLU B 110 -30.71 -1.64 -7.05
C GLU B 110 -29.39 -0.88 -7.33
N PHE B 111 -28.44 -1.50 -8.04
CA PHE B 111 -27.08 -0.94 -8.25
C PHE B 111 -27.13 0.18 -9.30
N HIS B 112 -26.70 1.39 -8.93
CA HIS B 112 -26.58 2.57 -9.82
C HIS B 112 -25.11 2.79 -10.19
N ILE B 113 -24.82 2.84 -11.49
CA ILE B 113 -23.46 3.12 -12.04
C ILE B 113 -23.60 3.97 -13.31
N SER B 114 -22.66 4.90 -13.51
CA SER B 114 -22.56 5.78 -14.71
C SER B 114 -21.09 6.10 -14.97
N VAL B 115 -20.72 6.19 -16.26
CA VAL B 115 -19.33 6.47 -16.72
C VAL B 115 -19.02 7.93 -16.38
N ILE B 116 -17.77 8.19 -15.96
CA ILE B 116 -17.18 9.56 -15.79
C ILE B 116 -16.12 9.77 -16.88
N ARG B 117 -15.43 8.69 -17.28
CA ARG B 117 -14.35 8.69 -18.32
C ARG B 117 -14.28 7.30 -18.96
N GLY B 118 -14.26 7.24 -20.30
CA GLY B 118 -14.23 6.00 -21.09
C GLY B 118 -12.81 5.57 -21.44
N GLY B 119 -12.66 4.79 -22.52
CA GLY B 119 -11.37 4.26 -23.01
C GLY B 119 -11.21 2.80 -22.67
N LEU B 120 -10.04 2.23 -22.95
CA LEU B 120 -9.65 0.84 -22.55
C LEU B 120 -8.56 0.90 -21.47
N SER B 121 -8.25 2.09 -20.95
CA SER B 121 -7.26 2.32 -19.86
C SER B 121 -7.73 3.43 -18.90
N ASN B 122 -7.69 3.16 -17.60
CA ASN B 122 -8.09 4.09 -16.50
C ASN B 122 -9.53 4.57 -16.72
N MET B 123 -10.46 3.65 -16.92
CA MET B 123 -11.91 3.95 -17.00
C MET B 123 -12.39 4.35 -15.60
N LEU B 124 -13.17 5.42 -15.48
CA LEU B 124 -13.76 5.90 -14.20
C LEU B 124 -15.27 5.71 -14.25
N PHE B 125 -15.87 5.23 -13.16
CA PHE B 125 -17.34 5.07 -12.98
C PHE B 125 -17.73 5.64 -11.61
N GLN B 126 -18.90 6.27 -11.53
CA GLN B 126 -19.59 6.60 -10.24
C GLN B 126 -20.52 5.44 -9.90
N CYS B 127 -20.34 4.80 -8.74
CA CYS B 127 -21.22 3.72 -8.21
C CYS B 127 -21.93 4.24 -6.97
N SER B 128 -23.22 3.98 -6.81
CA SER B 128 -24.00 4.54 -5.67
C SER B 128 -25.15 3.62 -5.24
N LEU B 129 -25.50 3.73 -3.96
CA LEU B 129 -26.73 3.17 -3.35
C LEU B 129 -27.94 3.87 -3.98
N PRO B 130 -29.13 3.25 -3.97
CA PRO B 130 -30.37 3.95 -4.26
C PRO B 130 -30.60 5.05 -3.20
N ASP B 131 -31.21 6.17 -3.62
CA ASP B 131 -31.50 7.33 -2.74
C ASP B 131 -32.44 6.86 -1.61
N THR B 132 -33.24 5.82 -1.87
CA THR B 132 -34.26 5.24 -0.96
C THR B 132 -33.61 4.35 0.11
N THR B 133 -32.37 3.89 -0.09
CA THR B 133 -31.66 2.95 0.81
C THR B 133 -30.93 3.74 1.89
N ALA B 134 -31.08 3.33 3.16
CA ALA B 134 -30.41 3.92 4.33
C ALA B 134 -29.04 3.27 4.53
N THR B 135 -28.03 4.06 4.90
CA THR B 135 -26.72 3.57 5.39
C THR B 135 -26.94 2.97 6.78
N LEU B 136 -26.14 1.97 7.16
CA LEU B 136 -26.21 1.25 8.46
C LEU B 136 -25.16 1.82 9.43
N GLY B 137 -24.02 2.27 8.90
CA GLY B 137 -22.92 2.88 9.66
C GLY B 137 -22.34 4.08 8.95
N ASP B 138 -21.02 4.14 8.79
CA ASP B 138 -20.34 5.30 8.14
C ASP B 138 -19.79 4.87 6.77
N GLU B 139 -20.45 3.92 6.09
CA GLU B 139 -20.10 3.53 4.70
C GLU B 139 -20.54 4.64 3.75
N PRO B 140 -19.80 4.90 2.65
CA PRO B 140 -20.19 5.95 1.71
C PRO B 140 -21.46 5.58 0.92
N ARG B 141 -22.21 6.59 0.47
CA ARG B 141 -23.40 6.43 -0.42
C ARG B 141 -22.95 6.26 -1.87
N LYS B 142 -21.84 6.92 -2.24
CA LYS B 142 -21.26 6.93 -3.61
C LYS B 142 -19.75 6.73 -3.53
N VAL B 143 -19.18 6.00 -4.49
CA VAL B 143 -17.72 5.72 -4.59
C VAL B 143 -17.29 5.86 -6.05
N LEU B 144 -15.99 6.00 -6.26
CA LEU B 144 -15.37 6.03 -7.60
C LEU B 144 -14.74 4.66 -7.86
N LEU B 145 -15.06 4.07 -9.01
CA LEU B 145 -14.41 2.82 -9.50
C LEU B 145 -13.41 3.21 -10.59
N ARG B 146 -12.14 2.84 -10.40
CA ARG B 146 -11.05 3.08 -11.38
C ARG B 146 -10.59 1.72 -11.88
N LEU B 147 -10.79 1.42 -13.16
CA LEU B 147 -10.25 0.18 -13.81
C LEU B 147 -8.98 0.55 -14.56
N TYR B 148 -7.88 -0.16 -14.28
CA TYR B 148 -6.56 0.02 -14.96
C TYR B 148 -6.74 -0.34 -16.43
N GLY B 149 -7.34 -1.50 -16.70
CA GLY B 149 -7.58 -2.02 -18.07
C GLY B 149 -6.30 -2.50 -18.73
N ALA B 150 -5.90 -1.85 -19.84
CA ALA B 150 -4.73 -2.22 -20.69
C ALA B 150 -3.72 -3.04 -19.87
N ALA B 174 2.85 -4.99 -12.29
CA ALA B 174 3.86 -5.55 -11.36
C ALA B 174 4.31 -4.45 -10.38
N GLU B 175 5.52 -3.90 -10.53
CA GLU B 175 6.22 -3.06 -9.52
C GLU B 175 6.01 -1.56 -9.79
N ALA B 176 5.17 -1.21 -10.78
CA ALA B 176 4.61 0.15 -10.95
C ALA B 176 3.31 0.25 -10.15
N MET B 177 2.56 -0.85 -10.08
CA MET B 177 1.21 -0.91 -9.45
CA MET B 177 1.21 -0.86 -9.45
C MET B 177 1.35 -0.98 -7.93
N VAL B 178 2.42 -1.60 -7.41
CA VAL B 178 2.64 -1.67 -5.93
C VAL B 178 2.98 -0.26 -5.43
N LEU B 179 3.85 0.49 -6.13
CA LEU B 179 4.30 1.83 -5.67
C LEU B 179 3.08 2.76 -5.65
N GLU B 180 2.32 2.82 -6.74
CA GLU B 180 1.13 3.72 -6.86
CA GLU B 180 1.10 3.66 -6.91
C GLU B 180 0.11 3.32 -5.78
N SER B 181 -0.14 2.03 -5.60
CA SER B 181 -1.10 1.46 -4.61
C SER B 181 -0.67 1.82 -3.18
N VAL B 182 0.60 1.64 -2.86
CA VAL B 182 1.15 1.92 -1.50
C VAL B 182 1.01 3.42 -1.26
N MET B 183 1.41 4.20 -2.26
CA MET B 183 1.39 5.67 -2.18
C MET B 183 -0.04 6.14 -1.96
N PHE B 184 -0.99 5.63 -2.76
CA PHE B 184 -2.42 6.00 -2.66
C PHE B 184 -2.92 5.66 -1.25
N ALA B 185 -2.64 4.46 -0.77
CA ALA B 185 -3.03 3.99 0.59
C ALA B 185 -2.46 4.94 1.64
N ILE B 186 -1.19 5.33 1.50
CA ILE B 186 -0.49 6.20 2.49
C ILE B 186 -1.14 7.58 2.51
N LEU B 187 -1.34 8.18 1.33
CA LEU B 187 -1.96 9.54 1.23
C LEU B 187 -3.37 9.48 1.81
N ALA B 188 -4.11 8.39 1.59
CA ALA B 188 -5.47 8.21 2.14
C ALA B 188 -5.41 8.20 3.67
N GLU B 189 -4.46 7.48 4.27
CA GLU B 189 -4.33 7.39 5.75
C GLU B 189 -4.00 8.78 6.32
N ARG B 190 -3.31 9.62 5.55
CA ARG B 190 -2.84 10.96 5.99
C ARG B 190 -3.86 12.06 5.65
N SER B 191 -5.01 11.71 5.08
CA SER B 191 -6.08 12.67 4.68
C SER B 191 -5.54 13.68 3.66
N LEU B 192 -4.65 13.26 2.75
CA LEU B 192 -4.04 14.10 1.68
C LEU B 192 -4.45 13.57 0.30
N GLY B 193 -5.27 12.52 0.27
CA GLY B 193 -5.85 11.95 -0.96
C GLY B 193 -7.23 11.37 -0.65
N PRO B 194 -7.97 10.95 -1.69
CA PRO B 194 -9.24 10.26 -1.47
C PRO B 194 -9.00 8.99 -0.63
N LYS B 195 -9.96 8.63 0.24
CA LYS B 195 -9.93 7.35 1.00
C LYS B 195 -9.86 6.18 0.01
N LEU B 196 -9.23 5.07 0.41
CA LEU B 196 -9.13 3.83 -0.41
C LEU B 196 -10.05 2.78 0.21
N TYR B 197 -11.11 2.39 -0.50
CA TYR B 197 -12.19 1.51 0.00
C TYR B 197 -11.95 0.08 -0.47
N GLY B 198 -11.31 -0.12 -1.63
CA GLY B 198 -11.06 -1.46 -2.17
C GLY B 198 -9.90 -1.48 -3.14
N ILE B 199 -9.10 -2.53 -3.11
CA ILE B 199 -8.00 -2.74 -4.10
C ILE B 199 -8.03 -4.20 -4.57
N PHE B 200 -7.94 -4.40 -5.89
CA PHE B 200 -8.05 -5.70 -6.59
C PHE B 200 -7.25 -5.60 -7.89
N PRO B 201 -6.94 -6.74 -8.56
CA PRO B 201 -6.01 -6.72 -9.69
C PRO B 201 -6.44 -5.77 -10.82
N GLN B 202 -7.75 -5.63 -11.05
CA GLN B 202 -8.31 -4.90 -12.21
C GLN B 202 -8.43 -3.39 -11.91
N GLY B 203 -8.36 -2.96 -10.65
CA GLY B 203 -8.60 -1.54 -10.30
C GLY B 203 -8.78 -1.30 -8.81
N ARG B 204 -9.54 -0.26 -8.45
CA ARG B 204 -9.80 0.04 -7.03
C ARG B 204 -11.06 0.87 -6.88
N LEU B 205 -11.58 0.88 -5.65
CA LEU B 205 -12.73 1.71 -5.21
C LEU B 205 -12.17 2.83 -4.33
N GLU B 206 -12.43 4.08 -4.71
CA GLU B 206 -11.94 5.29 -4.03
C GLU B 206 -13.12 6.10 -3.51
N GLN B 207 -12.87 6.95 -2.51
CA GLN B 207 -13.78 8.02 -2.08
C GLN B 207 -14.18 8.83 -3.33
N PHE B 208 -15.47 9.11 -3.49
CA PHE B 208 -15.99 10.06 -4.48
C PHE B 208 -15.98 11.45 -3.84
N ILE B 209 -15.24 12.39 -4.44
CA ILE B 209 -15.08 13.79 -3.91
C ILE B 209 -15.96 14.71 -4.75
N PRO B 210 -17.07 15.24 -4.20
CA PRO B 210 -17.89 16.23 -4.90
C PRO B 210 -17.01 17.45 -5.21
N SER B 211 -16.86 17.76 -6.50
CA SER B 211 -15.85 18.70 -7.02
C SER B 211 -16.02 18.88 -8.54
N ARG B 212 -15.33 19.86 -9.10
CA ARG B 212 -14.94 19.88 -10.53
C ARG B 212 -13.42 20.09 -10.62
N ARG B 213 -12.85 19.77 -11.77
CA ARG B 213 -11.43 20.11 -12.07
C ARG B 213 -11.36 21.61 -12.39
N LEU B 214 -10.19 22.22 -12.21
CA LEU B 214 -9.92 23.61 -12.65
C LEU B 214 -9.84 23.65 -14.18
N ASP B 215 -10.13 24.83 -14.75
CA ASP B 215 -9.80 25.23 -16.14
C ASP B 215 -8.42 25.91 -16.12
N THR B 216 -7.69 25.85 -17.23
CA THR B 216 -6.34 26.44 -17.40
C THR B 216 -6.33 27.89 -16.93
N GLU B 217 -7.35 28.67 -17.30
CA GLU B 217 -7.45 30.13 -17.03
C GLU B 217 -7.46 30.38 -15.52
N GLU B 218 -7.97 29.42 -14.73
CA GLU B 218 -8.12 29.58 -13.25
C GLU B 218 -6.75 29.52 -12.55
N LEU B 219 -5.70 28.97 -13.19
CA LEU B 219 -4.39 28.79 -12.53
C LEU B 219 -3.79 30.13 -12.12
N SER B 220 -4.17 31.22 -12.81
CA SER B 220 -3.57 32.58 -12.65
C SER B 220 -4.36 33.41 -11.62
N LEU B 221 -5.54 32.97 -11.21
CA LEU B 221 -6.30 33.65 -10.13
C LEU B 221 -5.41 33.63 -8.88
N PRO B 222 -5.12 34.79 -8.26
CA PRO B 222 -4.16 34.85 -7.15
C PRO B 222 -4.47 33.93 -5.95
N ASP B 223 -5.75 33.78 -5.60
CA ASP B 223 -6.17 32.90 -4.47
CA ASP B 223 -6.21 32.90 -4.48
C ASP B 223 -5.95 31.43 -4.87
N ILE B 224 -6.20 31.08 -6.14
CA ILE B 224 -5.99 29.71 -6.65
C ILE B 224 -4.48 29.42 -6.63
N SER B 225 -3.69 30.32 -7.21
CA SER B 225 -2.23 30.15 -7.37
C SER B 225 -1.58 29.99 -5.99
N ALA B 226 -1.95 30.85 -5.04
CA ALA B 226 -1.42 30.85 -3.66
C ALA B 226 -1.71 29.50 -2.98
N GLU B 227 -2.92 28.95 -3.18
CA GLU B 227 -3.31 27.68 -2.51
C GLU B 227 -2.59 26.52 -3.20
N ILE B 228 -2.44 26.54 -4.53
CA ILE B 228 -1.67 25.48 -5.25
C ILE B 228 -0.26 25.46 -4.67
N ALA B 229 0.34 26.62 -4.41
CA ALA B 229 1.70 26.76 -3.85
C ALA B 229 1.74 26.14 -2.44
N GLU B 230 0.75 26.44 -1.59
CA GLU B 230 0.64 25.94 -0.20
C GLU B 230 0.52 24.41 -0.23
N LYS B 231 -0.35 23.89 -1.08
CA LYS B 231 -0.62 22.44 -1.19
C LYS B 231 0.63 21.73 -1.71
N MET B 232 1.29 22.29 -2.74
CA MET B 232 2.52 21.73 -3.35
C MET B 232 3.62 21.67 -2.28
N ALA B 233 3.77 22.73 -1.48
CA ALA B 233 4.76 22.82 -0.38
C ALA B 233 4.50 21.70 0.65
N THR B 234 3.23 21.40 0.95
CA THR B 234 2.82 20.34 1.90
C THR B 234 3.24 18.98 1.33
N PHE B 235 2.89 18.72 0.07
CA PHE B 235 3.26 17.51 -0.70
C PHE B 235 4.79 17.30 -0.60
N HIS B 236 5.58 18.35 -0.85
CA HIS B 236 7.06 18.33 -0.82
C HIS B 236 7.63 18.00 0.56
N GLY B 237 6.87 18.19 1.65
CA GLY B 237 7.32 17.88 3.02
C GLY B 237 7.20 16.40 3.39
N MET B 238 6.40 15.64 2.65
CA MET B 238 6.00 14.24 2.98
C MET B 238 7.16 13.26 2.89
N LYS B 239 7.28 12.39 3.89
CA LYS B 239 8.20 11.23 3.89
C LYS B 239 7.44 10.07 3.26
N MET B 240 8.00 9.48 2.20
CA MET B 240 7.40 8.36 1.44
C MET B 240 8.46 7.28 1.30
N PRO B 241 8.08 5.98 1.29
CA PRO B 241 9.04 4.90 1.30
C PRO B 241 9.59 4.58 -0.10
N PHE B 242 9.99 5.62 -0.83
CA PHE B 242 10.49 5.51 -2.22
C PHE B 242 11.93 6.00 -2.29
N ASN B 243 12.60 5.66 -3.37
CA ASN B 243 14.00 6.04 -3.65
C ASN B 243 14.16 7.56 -3.55
N LYS B 244 15.07 8.01 -2.69
CA LYS B 244 15.31 9.45 -2.39
C LYS B 244 16.37 10.01 -3.36
N GLU B 245 16.97 9.18 -4.21
CA GLU B 245 17.90 9.61 -5.29
C GLU B 245 17.04 10.21 -6.41
N PRO B 246 17.32 11.46 -6.84
CA PRO B 246 16.52 12.11 -7.88
C PRO B 246 16.90 11.64 -9.30
N LYS B 247 16.67 10.36 -9.58
CA LYS B 247 17.05 9.73 -10.87
C LYS B 247 15.86 9.78 -11.82
N TRP B 248 14.69 10.16 -11.32
CA TRP B 248 13.42 10.09 -12.08
C TRP B 248 13.49 11.00 -13.31
N LEU B 249 13.96 12.24 -13.15
CA LEU B 249 13.87 13.26 -14.21
C LEU B 249 14.67 12.81 -15.44
N PHE B 250 15.99 12.65 -15.31
CA PHE B 250 16.88 12.26 -16.44
C PHE B 250 16.67 10.79 -16.80
N GLY B 251 16.36 9.94 -15.82
CA GLY B 251 16.04 8.52 -16.06
C GLY B 251 14.86 8.38 -17.01
N THR B 252 13.81 9.17 -16.80
CA THR B 252 12.58 9.16 -17.63
C THR B 252 12.87 9.80 -18.99
N MET B 253 13.64 10.88 -19.04
CA MET B 253 13.97 11.54 -20.33
C MET B 253 14.82 10.57 -21.16
N GLU B 254 15.83 9.93 -20.56
CA GLU B 254 16.70 8.93 -21.23
C GLU B 254 15.84 7.80 -21.78
N LYS B 255 14.91 7.30 -20.99
CA LYS B 255 14.03 6.15 -21.35
C LYS B 255 13.14 6.56 -22.54
N TYR B 256 12.48 7.73 -22.48
CA TYR B 256 11.60 8.20 -23.58
C TYR B 256 12.43 8.45 -24.83
N LEU B 257 13.63 9.02 -24.70
CA LEU B 257 14.53 9.32 -25.85
C LEU B 257 14.91 8.01 -26.55
N LYS B 258 15.24 6.97 -25.78
CA LYS B 258 15.58 5.62 -26.29
C LYS B 258 14.42 5.10 -27.16
N GLU B 259 13.18 5.24 -26.70
CA GLU B 259 11.96 4.82 -27.44
C GLU B 259 11.77 5.69 -28.69
N VAL B 260 12.05 6.99 -28.61
CA VAL B 260 11.83 7.95 -29.73
C VAL B 260 12.76 7.58 -30.90
N LEU B 261 14.01 7.23 -30.62
CA LEU B 261 15.03 6.91 -31.66
C LEU B 261 14.74 5.54 -32.30
N ARG B 262 13.82 4.75 -31.76
CA ARG B 262 13.40 3.43 -32.31
C ARG B 262 12.12 3.58 -33.13
N ILE B 263 11.41 4.71 -33.07
CA ILE B 263 10.11 4.92 -33.79
C ILE B 263 10.37 5.09 -35.29
N LYS B 264 9.64 4.31 -36.11
CA LYS B 264 9.45 4.57 -37.56
C LYS B 264 7.96 4.70 -37.78
N PHE B 265 7.53 5.81 -38.38
CA PHE B 265 6.14 6.02 -38.86
C PHE B 265 6.10 5.64 -40.35
N THR B 266 4.92 5.28 -40.86
CA THR B 266 4.65 4.97 -42.29
C THR B 266 3.87 6.13 -42.92
N GLU B 267 2.97 6.76 -42.16
CA GLU B 267 2.14 7.92 -42.60
C GLU B 267 3.05 9.12 -42.87
N GLU B 268 2.89 9.78 -44.02
CA GLU B 268 3.83 10.80 -44.57
C GLU B 268 3.94 11.99 -43.62
N SER B 269 2.82 12.51 -43.10
CA SER B 269 2.76 13.72 -42.24
C SER B 269 3.52 13.48 -40.93
N ARG B 270 3.44 12.26 -40.37
CA ARG B 270 4.08 11.91 -39.07
C ARG B 270 5.59 11.74 -39.27
N ILE B 271 6.01 11.21 -40.42
CA ILE B 271 7.44 11.05 -40.80
C ILE B 271 8.08 12.44 -40.87
N LYS B 272 7.40 13.42 -41.48
CA LYS B 272 7.90 14.80 -41.67
C LYS B 272 8.02 15.48 -40.30
N LYS B 273 6.99 15.35 -39.45
CA LYS B 273 6.98 15.96 -38.10
C LYS B 273 8.08 15.36 -37.23
N LEU B 274 8.25 14.03 -37.26
CA LEU B 274 9.30 13.35 -36.48
C LEU B 274 10.66 13.80 -36.98
N HIS B 275 10.82 13.94 -38.28
CA HIS B 275 12.12 14.31 -38.92
C HIS B 275 12.54 15.70 -38.42
N LYS B 276 11.59 16.64 -38.29
CA LYS B 276 11.89 18.01 -37.80
C LYS B 276 12.37 17.94 -36.35
N LEU B 277 11.69 17.17 -35.50
CA LEU B 277 12.03 17.05 -34.06
C LEU B 277 13.43 16.42 -33.90
N LEU B 278 13.73 15.35 -34.66
CA LEU B 278 15.05 14.66 -34.59
C LEU B 278 16.16 15.59 -35.10
N SER B 279 15.84 16.57 -35.95
CA SER B 279 16.82 17.51 -36.56
C SER B 279 17.46 18.42 -35.51
N TYR B 280 16.86 18.53 -34.31
CA TYR B 280 17.37 19.35 -33.19
C TYR B 280 18.56 18.67 -32.49
N ASN B 281 18.82 17.39 -32.80
CA ASN B 281 19.82 16.52 -32.11
C ASN B 281 19.40 16.41 -30.63
N LEU B 282 18.34 15.65 -30.38
CA LEU B 282 17.71 15.52 -29.04
C LEU B 282 18.70 14.94 -28.05
N PRO B 283 19.50 13.89 -28.40
CA PRO B 283 20.50 13.35 -27.47
C PRO B 283 21.52 14.41 -27.00
N LEU B 284 21.97 15.27 -27.89
CA LEU B 284 22.91 16.37 -27.53
C LEU B 284 22.17 17.40 -26.65
N GLU B 285 20.97 17.80 -27.05
CA GLU B 285 20.18 18.83 -26.32
C GLU B 285 19.92 18.32 -24.90
N LEU B 286 19.61 17.04 -24.73
CA LEU B 286 19.45 16.42 -23.40
C LEU B 286 20.72 16.63 -22.56
N GLU B 287 21.90 16.52 -23.15
CA GLU B 287 23.21 16.71 -22.45
C GLU B 287 23.45 18.20 -22.15
N ASN B 288 23.05 19.12 -23.01
CA ASN B 288 23.13 20.57 -22.69
C ASN B 288 22.22 20.86 -21.48
N LEU B 289 21.03 20.26 -21.46
CA LEU B 289 20.04 20.43 -20.37
C LEU B 289 20.63 19.85 -19.08
N ARG B 290 21.30 18.71 -19.18
CA ARG B 290 21.92 18.04 -18.01
C ARG B 290 22.94 18.97 -17.37
N SER B 291 23.79 19.62 -18.17
CA SER B 291 24.88 20.48 -17.64
C SER B 291 24.28 21.76 -17.03
N LEU B 292 23.18 22.27 -17.60
CA LEU B 292 22.48 23.46 -17.05
C LEU B 292 21.90 23.09 -15.68
N LEU B 293 21.15 21.99 -15.60
CA LEU B 293 20.40 21.62 -14.39
C LEU B 293 21.37 21.14 -13.30
N GLU B 294 22.47 20.46 -13.64
CA GLU B 294 23.47 20.00 -12.63
C GLU B 294 24.18 21.20 -11.99
N SER B 295 24.23 22.35 -12.65
CA SER B 295 24.80 23.60 -12.10
C SER B 295 23.74 24.41 -11.35
N THR B 296 22.49 23.93 -11.30
CA THR B 296 21.33 24.65 -10.70
C THR B 296 20.89 23.92 -9.43
N PRO B 297 21.29 24.38 -8.22
CA PRO B 297 20.86 23.75 -6.97
C PRO B 297 19.33 23.79 -6.84
N SER B 298 18.75 22.64 -6.49
CA SER B 298 17.29 22.49 -6.26
C SER B 298 17.10 21.32 -5.30
N PRO B 299 16.51 21.54 -4.09
CA PRO B 299 16.39 20.48 -3.12
C PRO B 299 15.52 19.34 -3.65
N VAL B 300 15.87 18.10 -3.27
CA VAL B 300 15.13 16.86 -3.63
C VAL B 300 13.98 16.72 -2.63
N VAL B 301 12.77 16.55 -3.14
CA VAL B 301 11.52 16.48 -2.34
C VAL B 301 10.58 15.52 -3.07
N PHE B 302 9.54 15.07 -2.39
CA PHE B 302 8.47 14.25 -3.00
C PHE B 302 7.62 15.17 -3.89
N CYS B 303 7.70 14.97 -5.20
CA CYS B 303 7.08 15.82 -6.24
C CYS B 303 5.87 15.10 -6.83
N HIS B 304 4.84 15.87 -7.16
CA HIS B 304 3.65 15.41 -7.90
C HIS B 304 4.07 15.05 -9.34
N ASN B 305 4.84 15.95 -9.98
CA ASN B 305 5.45 15.79 -11.33
C ASN B 305 4.42 16.06 -12.45
N ASP B 306 3.17 16.40 -12.13
CA ASP B 306 2.11 16.57 -13.15
C ASP B 306 1.03 17.51 -12.60
N CYS B 307 1.44 18.56 -11.90
CA CYS B 307 0.50 19.47 -11.20
C CYS B 307 -0.10 20.45 -12.21
N GLN B 308 -1.23 20.05 -12.80
CA GLN B 308 -1.95 20.80 -13.84
C GLN B 308 -3.44 20.85 -13.46
N GLU B 309 -4.19 21.73 -14.14
CA GLU B 309 -5.59 22.07 -13.80
C GLU B 309 -6.44 20.80 -13.70
N GLY B 310 -6.21 19.81 -14.56
CA GLY B 310 -6.97 18.55 -14.61
C GLY B 310 -6.72 17.65 -13.41
N ASN B 311 -5.68 17.91 -12.62
CA ASN B 311 -5.29 17.12 -11.42
C ASN B 311 -5.52 17.97 -10.16
N ILE B 312 -6.24 19.08 -10.28
CA ILE B 312 -6.59 19.96 -9.13
C ILE B 312 -8.12 20.05 -9.03
N LEU B 313 -8.68 19.60 -7.90
CA LEU B 313 -10.14 19.61 -7.64
C LEU B 313 -10.50 20.89 -6.89
N LEU B 314 -11.52 21.61 -7.39
CA LEU B 314 -12.24 22.66 -6.64
C LEU B 314 -13.37 21.96 -5.87
N LEU B 315 -13.32 21.99 -4.55
CA LEU B 315 -14.21 21.16 -3.68
C LEU B 315 -15.59 21.83 -3.59
N GLU B 316 -16.65 21.09 -3.94
CA GLU B 316 -18.06 21.55 -3.87
C GLU B 316 -18.34 22.09 -2.46
N GLY B 317 -18.92 23.30 -2.37
CA GLY B 317 -19.32 23.94 -1.11
C GLY B 317 -18.25 24.88 -0.54
N ARG B 318 -17.02 24.82 -1.03
CA ARG B 318 -15.87 25.57 -0.43
C ARG B 318 -15.43 26.72 -1.34
N GLU B 319 -16.22 27.06 -2.37
CA GLU B 319 -15.86 28.10 -3.40
C GLU B 319 -15.59 29.45 -2.72
N ASN B 320 -16.27 29.76 -1.61
CA ASN B 320 -16.19 31.06 -0.89
C ASN B 320 -15.01 31.08 0.09
N SER B 321 -14.31 29.96 0.27
CA SER B 321 -13.10 29.82 1.14
C SER B 321 -11.87 30.36 0.40
N GLU B 322 -11.09 31.24 1.03
CA GLU B 322 -9.91 31.89 0.42
C GLU B 322 -8.83 30.83 0.15
N LYS B 323 -8.55 29.99 1.16
CA LYS B 323 -7.27 29.23 1.29
C LYS B 323 -7.44 27.70 1.22
N GLN B 324 -8.65 27.16 1.38
CA GLN B 324 -8.85 25.70 1.64
C GLN B 324 -9.96 25.14 0.75
N LYS B 325 -9.89 25.38 -0.56
CA LYS B 325 -10.94 24.91 -1.51
C LYS B 325 -10.38 23.95 -2.56
N LEU B 326 -9.09 23.60 -2.50
CA LEU B 326 -8.46 22.74 -3.54
C LEU B 326 -7.94 21.44 -2.92
N MET B 327 -7.82 20.41 -3.75
CA MET B 327 -7.12 19.14 -3.44
C MET B 327 -6.36 18.72 -4.70
N LEU B 328 -5.08 18.37 -4.54
CA LEU B 328 -4.23 17.75 -5.61
C LEU B 328 -4.53 16.25 -5.66
N ILE B 329 -4.72 15.71 -6.87
CA ILE B 329 -5.01 14.27 -7.09
C ILE B 329 -4.11 13.77 -8.22
N ASP B 330 -4.19 12.46 -8.52
CA ASP B 330 -3.59 11.77 -9.69
C ASP B 330 -2.06 11.86 -9.59
N PHE B 331 -1.49 10.95 -8.79
CA PHE B 331 -0.06 10.96 -8.40
CA PHE B 331 -0.07 10.94 -8.40
C PHE B 331 0.66 9.84 -9.18
N GLU B 332 0.17 9.52 -10.37
CA GLU B 332 0.73 8.48 -11.28
C GLU B 332 2.24 8.68 -11.48
N TYR B 333 2.70 9.92 -11.63
CA TYR B 333 4.10 10.25 -12.01
C TYR B 333 4.91 10.70 -10.78
N SER B 334 4.34 10.62 -9.58
CA SER B 334 4.97 11.14 -8.34
C SER B 334 6.23 10.35 -8.03
N SER B 335 7.25 11.05 -7.52
CA SER B 335 8.57 10.49 -7.19
C SER B 335 9.38 11.55 -6.46
N TYR B 336 10.46 11.15 -5.82
CA TYR B 336 11.48 12.12 -5.32
C TYR B 336 12.13 12.73 -6.56
N ASN B 337 12.19 14.04 -6.58
CA ASN B 337 12.58 14.83 -7.77
C ASN B 337 13.02 16.19 -7.28
N TYR B 338 13.69 16.94 -8.16
CA TYR B 338 14.06 18.36 -7.91
C TYR B 338 12.79 19.19 -7.77
N ARG B 339 12.71 19.96 -6.69
CA ARG B 339 11.58 20.88 -6.41
C ARG B 339 11.35 21.78 -7.63
N GLY B 340 12.42 22.25 -8.26
CA GLY B 340 12.36 23.15 -9.41
C GLY B 340 11.47 22.58 -10.49
N PHE B 341 11.47 21.28 -10.68
CA PHE B 341 10.68 20.62 -11.75
C PHE B 341 9.18 20.72 -11.42
N ASP B 342 8.81 20.47 -10.16
CA ASP B 342 7.37 20.47 -9.75
C ASP B 342 6.81 21.88 -10.00
N ILE B 343 7.52 22.92 -9.60
CA ILE B 343 7.07 24.34 -9.78
C ILE B 343 7.19 24.72 -11.28
N GLY B 344 8.36 24.50 -11.88
CA GLY B 344 8.57 24.76 -13.32
C GLY B 344 7.50 24.13 -14.18
N ASN B 345 7.19 22.86 -13.92
CA ASN B 345 6.19 22.10 -14.71
C ASN B 345 4.81 22.76 -14.52
N HIS B 346 4.50 23.17 -13.30
CA HIS B 346 3.23 23.85 -12.97
C HIS B 346 3.15 25.16 -13.75
N PHE B 347 4.20 25.98 -13.74
CA PHE B 347 4.25 27.25 -14.51
C PHE B 347 4.05 26.96 -16.00
N CYS B 348 4.68 25.92 -16.54
CA CYS B 348 4.50 25.54 -17.96
C CYS B 348 3.02 25.27 -18.25
N GLU B 349 2.31 24.68 -17.30
CA GLU B 349 0.92 24.19 -17.51
C GLU B 349 -0.06 25.38 -17.56
N TRP B 350 0.37 26.59 -17.22
CA TRP B 350 -0.42 27.83 -17.51
C TRP B 350 -0.63 27.99 -19.02
N MET B 351 0.24 27.44 -19.86
CA MET B 351 0.27 27.71 -21.33
C MET B 351 -0.55 26.66 -22.08
N TYR B 352 -0.98 25.58 -21.43
CA TYR B 352 -1.56 24.40 -22.11
C TYR B 352 -2.98 24.15 -21.59
N ASP B 353 -3.92 24.06 -22.53
CA ASP B 353 -5.36 23.77 -22.30
C ASP B 353 -5.68 22.50 -23.08
N TYR B 354 -6.02 21.42 -22.37
CA TYR B 354 -6.26 20.08 -22.95
C TYR B 354 -7.76 19.86 -23.21
N SER B 355 -8.60 20.90 -23.13
CA SER B 355 -10.08 20.81 -23.25
C SER B 355 -10.58 21.29 -24.62
N TYR B 356 -9.68 21.66 -25.54
CA TYR B 356 -10.04 22.13 -26.90
C TYR B 356 -10.74 20.97 -27.62
N GLU B 357 -11.86 21.28 -28.29
CA GLU B 357 -12.88 20.33 -28.80
CA GLU B 357 -12.81 20.25 -28.77
C GLU B 357 -12.52 19.88 -30.23
N LYS B 358 -11.58 20.59 -30.88
CA LYS B 358 -11.15 20.30 -32.28
C LYS B 358 -9.68 19.88 -32.27
N TYR B 359 -9.28 19.05 -33.24
CA TYR B 359 -7.88 18.63 -33.49
C TYR B 359 -7.00 19.89 -33.47
N PRO B 360 -5.82 19.88 -32.80
CA PRO B 360 -5.24 18.71 -32.15
C PRO B 360 -5.66 18.43 -30.71
N PHE B 361 -6.75 19.05 -30.26
CA PHE B 361 -7.44 18.81 -28.96
C PHE B 361 -6.64 19.42 -27.82
N PHE B 362 -5.74 20.36 -28.12
CA PHE B 362 -5.09 21.22 -27.09
C PHE B 362 -4.87 22.60 -27.71
N ARG B 363 -4.71 23.61 -26.85
CA ARG B 363 -4.29 24.97 -27.22
C ARG B 363 -3.00 25.25 -26.45
N ALA B 364 -2.03 25.86 -27.12
CA ALA B 364 -0.74 26.28 -26.53
C ALA B 364 -0.62 27.78 -26.74
N ASN B 365 -0.30 28.53 -25.68
CA ASN B 365 -0.16 30.00 -25.74
C ASN B 365 1.03 30.40 -24.87
N ILE B 366 2.16 30.68 -25.52
CA ILE B 366 3.44 31.06 -24.85
C ILE B 366 3.23 32.31 -23.99
N ARG B 367 2.25 33.16 -24.30
CA ARG B 367 2.06 34.48 -23.63
C ARG B 367 1.39 34.28 -22.26
N LYS B 368 0.83 33.09 -22.00
CA LYS B 368 0.12 32.76 -20.75
C LYS B 368 1.10 32.29 -19.66
N TYR B 369 2.38 32.07 -19.98
CA TYR B 369 3.39 31.74 -18.96
C TYR B 369 3.34 32.81 -17.88
N PRO B 370 3.45 32.46 -16.59
CA PRO B 370 3.39 33.47 -15.53
C PRO B 370 4.48 34.53 -15.70
N THR B 371 4.12 35.79 -15.46
CA THR B 371 5.03 36.95 -15.36
C THR B 371 5.85 36.79 -14.09
N LYS B 372 6.95 37.52 -13.96
CA LYS B 372 7.79 37.58 -12.73
C LYS B 372 6.89 37.83 -11.51
N LYS B 373 5.89 38.73 -11.66
CA LYS B 373 4.99 39.11 -10.55
C LYS B 373 4.16 37.90 -10.11
N GLN B 374 3.60 37.17 -11.08
CA GLN B 374 2.77 35.97 -10.82
C GLN B 374 3.64 34.86 -10.22
N GLN B 375 4.88 34.71 -10.69
CA GLN B 375 5.86 33.73 -10.18
C GLN B 375 6.21 34.05 -8.72
N LEU B 376 6.45 35.33 -8.41
CA LEU B 376 6.79 35.80 -7.05
C LEU B 376 5.60 35.58 -6.11
N HIS B 377 4.39 35.81 -6.60
CA HIS B 377 3.15 35.58 -5.80
C HIS B 377 3.12 34.09 -5.41
N PHE B 378 3.37 33.19 -6.37
CA PHE B 378 3.33 31.73 -6.17
C PHE B 378 4.37 31.33 -5.12
N ILE B 379 5.63 31.75 -5.30
CA ILE B 379 6.73 31.25 -4.41
C ILE B 379 6.65 31.97 -3.05
N SER B 380 6.06 33.16 -2.99
CA SER B 380 5.83 33.90 -1.72
C SER B 380 4.85 33.12 -0.85
N SER B 381 3.95 32.34 -1.45
CA SER B 381 3.00 31.45 -0.73
C SER B 381 3.69 30.10 -0.45
N TYR B 382 4.52 29.59 -1.37
CA TYR B 382 5.21 28.28 -1.26
C TYR B 382 6.23 28.29 -0.12
N LEU B 383 7.10 29.28 -0.07
CA LEU B 383 8.28 29.30 0.84
C LEU B 383 7.85 29.24 2.31
N PRO B 384 6.97 30.13 2.80
CA PRO B 384 6.50 30.06 4.19
C PRO B 384 5.69 28.79 4.48
N ALA B 385 5.02 28.20 3.49
CA ALA B 385 4.30 26.91 3.65
C ALA B 385 5.30 25.75 3.80
N PHE B 386 6.51 25.86 3.25
CA PHE B 386 7.53 24.78 3.22
C PHE B 386 8.46 24.89 4.43
N GLN B 387 8.80 26.12 4.82
CA GLN B 387 9.62 26.46 6.00
C GLN B 387 8.88 27.59 6.74
N ASN B 388 8.25 27.30 7.88
CA ASN B 388 7.33 28.20 8.63
CA ASN B 388 7.32 28.26 8.54
C ASN B 388 8.09 29.40 9.23
N ASP B 389 9.43 29.31 9.33
CA ASP B 389 10.26 30.39 9.94
C ASP B 389 10.71 31.38 8.85
N PHE B 390 10.24 31.22 7.60
CA PHE B 390 10.75 31.97 6.43
C PHE B 390 10.47 33.47 6.62
N GLU B 391 9.28 33.81 7.12
CA GLU B 391 8.82 35.23 7.26
C GLU B 391 9.69 35.98 8.29
N ASN B 392 10.43 35.28 9.16
CA ASN B 392 11.30 35.90 10.20
C ASN B 392 12.68 36.26 9.66
N LEU B 393 13.04 35.78 8.46
CA LEU B 393 14.29 36.21 7.77
C LEU B 393 14.18 37.69 7.42
N SER B 394 15.31 38.39 7.31
CA SER B 394 15.41 39.80 6.84
C SER B 394 14.82 39.93 5.44
N THR B 395 14.19 41.06 5.13
CA THR B 395 13.64 41.39 3.79
C THR B 395 14.69 41.13 2.69
N GLU B 396 15.97 41.39 2.98
CA GLU B 396 17.07 41.26 1.99
CA GLU B 396 17.08 41.26 2.02
C GLU B 396 17.34 39.77 1.74
N GLU B 397 17.36 38.95 2.80
CA GLU B 397 17.61 37.49 2.69
C GLU B 397 16.44 36.82 1.95
N LYS B 398 15.21 37.23 2.25
CA LYS B 398 13.99 36.70 1.59
C LYS B 398 14.08 37.01 0.09
N SER B 399 14.48 38.23 -0.26
CA SER B 399 14.59 38.70 -1.67
C SER B 399 15.64 37.87 -2.41
N ILE B 400 16.79 37.60 -1.78
CA ILE B 400 17.89 36.79 -2.37
C ILE B 400 17.38 35.35 -2.62
N ILE B 401 16.74 34.72 -1.65
CA ILE B 401 16.20 33.34 -1.80
C ILE B 401 15.19 33.32 -2.95
N LYS B 402 14.32 34.32 -3.03
CA LYS B 402 13.26 34.39 -4.07
C LYS B 402 13.89 34.53 -5.45
N GLU B 403 14.89 35.40 -5.61
CA GLU B 403 15.55 35.66 -6.91
C GLU B 403 16.24 34.36 -7.38
N GLU B 404 16.93 33.67 -6.47
CA GLU B 404 17.61 32.39 -6.77
C GLU B 404 16.55 31.36 -7.21
N MET B 405 15.41 31.33 -6.53
CA MET B 405 14.35 30.33 -6.80
C MET B 405 13.74 30.58 -8.19
N LEU B 406 13.57 31.83 -8.62
CA LEU B 406 13.06 32.15 -9.97
C LEU B 406 14.01 31.59 -11.04
N LEU B 407 15.33 31.77 -10.87
CA LEU B 407 16.34 31.18 -11.79
C LEU B 407 16.14 29.66 -11.81
N GLU B 408 16.07 29.06 -10.63
CA GLU B 408 15.91 27.60 -10.41
C GLU B 408 14.70 27.09 -11.20
N VAL B 409 13.50 27.63 -10.91
CA VAL B 409 12.24 26.99 -11.41
C VAL B 409 12.14 27.23 -12.91
N ASN B 410 12.66 28.35 -13.42
CA ASN B 410 12.57 28.68 -14.88
C ASN B 410 13.56 27.82 -15.67
N ARG B 411 14.68 27.43 -15.08
CA ARG B 411 15.61 26.46 -15.70
C ARG B 411 14.96 25.07 -15.72
N PHE B 412 14.37 24.64 -14.60
CA PHE B 412 13.75 23.29 -14.50
C PHE B 412 12.50 23.22 -15.39
N ALA B 413 11.84 24.34 -15.64
CA ALA B 413 10.72 24.42 -16.58
C ALA B 413 11.14 23.87 -17.96
N LEU B 414 12.40 24.08 -18.37
CA LEU B 414 12.91 23.57 -19.66
C LEU B 414 12.80 22.05 -19.68
N ALA B 415 13.02 21.39 -18.53
CA ALA B 415 12.93 19.91 -18.41
C ALA B 415 11.49 19.45 -18.57
N SER B 416 10.53 20.28 -18.19
CA SER B 416 9.08 20.02 -18.41
C SER B 416 8.82 19.90 -19.92
N HIS B 417 9.25 20.89 -20.70
CA HIS B 417 9.13 20.89 -22.19
C HIS B 417 9.80 19.63 -22.75
N PHE B 418 11.03 19.37 -22.34
CA PHE B 418 11.83 18.27 -22.93
C PHE B 418 11.16 16.95 -22.61
N LEU B 419 10.87 16.71 -21.32
CA LEU B 419 10.36 15.40 -20.87
C LEU B 419 9.01 15.13 -21.54
N TRP B 420 8.06 16.06 -21.44
CA TRP B 420 6.68 15.83 -21.95
C TRP B 420 6.65 15.89 -23.49
N GLY B 421 7.59 16.62 -24.10
CA GLY B 421 7.81 16.56 -25.55
C GLY B 421 8.18 15.16 -26.00
N LEU B 422 9.20 14.57 -25.37
CA LEU B 422 9.62 13.17 -25.66
C LEU B 422 8.44 12.23 -25.41
N TRP B 423 7.77 12.39 -24.27
CA TRP B 423 6.60 11.57 -23.86
C TRP B 423 5.56 11.56 -24.98
N SER B 424 5.23 12.74 -25.52
CA SER B 424 4.16 12.92 -26.54
C SER B 424 4.55 12.20 -27.84
N ILE B 425 5.81 12.24 -28.23
CA ILE B 425 6.28 11.53 -29.46
C ILE B 425 6.00 10.03 -29.28
N VAL B 426 6.36 9.47 -28.13
CA VAL B 426 6.14 8.02 -27.84
C VAL B 426 4.63 7.75 -27.88
N GLN B 427 3.82 8.59 -27.23
CA GLN B 427 2.33 8.44 -27.25
C GLN B 427 1.84 8.38 -28.70
N ALA B 428 2.41 9.20 -29.60
CA ALA B 428 2.04 9.24 -31.03
C ALA B 428 2.07 7.83 -31.61
N LYS B 429 3.05 7.03 -31.23
CA LYS B 429 3.23 5.63 -31.73
C LYS B 429 2.28 4.67 -31.01
N ILE B 430 2.19 4.69 -29.67
CA ILE B 430 1.64 3.56 -28.86
C ILE B 430 0.23 3.86 -28.36
N SER B 431 -0.19 5.13 -28.28
CA SER B 431 -1.49 5.50 -27.64
C SER B 431 -2.65 5.29 -28.62
N SER B 432 -3.80 4.87 -28.09
CA SER B 432 -5.07 4.64 -28.81
C SER B 432 -6.09 5.71 -28.39
N ILE B 433 -5.66 6.68 -27.58
CA ILE B 433 -6.42 7.91 -27.24
C ILE B 433 -6.23 8.91 -28.39
N GLU B 434 -7.31 9.49 -28.91
CA GLU B 434 -7.27 10.48 -30.03
C GLU B 434 -6.74 11.82 -29.48
N PHE B 435 -5.61 12.30 -30.03
CA PHE B 435 -4.94 13.56 -29.62
C PHE B 435 -3.82 13.87 -30.61
N GLY B 436 -3.57 15.16 -30.85
CA GLY B 436 -2.46 15.64 -31.71
C GLY B 436 -1.13 15.58 -31.00
N TYR B 437 -0.67 14.35 -30.72
CA TYR B 437 0.54 14.07 -29.92
C TYR B 437 1.76 14.74 -30.57
N MET B 438 1.90 14.61 -31.89
CA MET B 438 3.05 15.16 -32.64
C MET B 438 3.02 16.70 -32.63
N ASP B 439 1.84 17.31 -32.78
CA ASP B 439 1.68 18.79 -32.70
C ASP B 439 2.03 19.25 -31.27
N TYR B 440 1.61 18.50 -30.24
CA TYR B 440 1.87 18.84 -28.83
C TYR B 440 3.38 18.76 -28.56
N ALA B 441 4.05 17.74 -29.09
CA ALA B 441 5.51 17.58 -28.97
C ALA B 441 6.20 18.82 -29.54
N GLN B 442 5.77 19.26 -30.72
CA GLN B 442 6.37 20.41 -31.43
C GLN B 442 6.14 21.67 -30.58
N ALA B 443 4.94 21.82 -29.99
CA ALA B 443 4.60 22.96 -29.11
C ALA B 443 5.55 22.99 -27.91
N ARG B 444 5.81 21.82 -27.29
CA ARG B 444 6.70 21.74 -26.10
C ARG B 444 8.13 22.12 -26.52
N PHE B 445 8.62 21.63 -27.66
CA PHE B 445 9.98 21.95 -28.15
C PHE B 445 10.06 23.41 -28.61
N ASP B 446 9.02 23.96 -29.23
CA ASP B 446 8.97 25.40 -29.58
C ASP B 446 9.16 26.21 -28.30
N ALA B 447 8.43 25.87 -27.24
CA ALA B 447 8.51 26.55 -25.92
C ALA B 447 9.90 26.39 -25.32
N TYR B 448 10.48 25.18 -25.43
CA TYR B 448 11.83 24.87 -24.91
C TYR B 448 12.83 25.88 -25.47
N PHE B 449 12.83 26.06 -26.79
CA PHE B 449 13.84 26.91 -27.49
C PHE B 449 13.51 28.38 -27.24
N HIS B 450 12.23 28.75 -27.20
CA HIS B 450 11.80 30.14 -26.91
C HIS B 450 12.30 30.52 -25.51
N GLN B 451 12.09 29.65 -24.51
CA GLN B 451 12.41 30.01 -23.10
C GLN B 451 13.93 29.95 -22.93
N LYS B 452 14.60 28.99 -23.59
CA LYS B 452 16.08 28.87 -23.58
C LYS B 452 16.71 30.20 -23.99
N ARG B 453 16.26 30.75 -25.10
CA ARG B 453 16.79 32.02 -25.66
C ARG B 453 16.50 33.18 -24.69
N LYS B 454 15.29 33.25 -24.14
CA LYS B 454 14.91 34.33 -23.17
C LYS B 454 15.85 34.29 -21.95
N LEU B 455 16.25 33.10 -21.49
CA LEU B 455 17.11 32.93 -20.29
C LEU B 455 18.59 33.17 -20.62
N GLY B 456 18.97 33.08 -21.90
CA GLY B 456 20.35 33.23 -22.38
C GLY B 456 21.23 32.07 -21.95
N VAL B 457 20.70 30.84 -21.97
CA VAL B 457 21.41 29.61 -21.50
C VAL B 457 21.48 28.60 -22.64
#